data_8A1E
#
_entry.id   8A1E
#
_cell.length_a   1.00
_cell.length_b   1.00
_cell.length_c   1.00
_cell.angle_alpha   90.00
_cell.angle_beta   90.00
_cell.angle_gamma   90.00
#
_symmetry.space_group_name_H-M   'P 1'
#
loop_
_entity.id
_entity.type
_entity.pdbx_description
1 polymer Glycoprotein
2 polymer 'Fab 17C7 heavy chain variable domain'
3 polymer 'Fab 17C7 light chain variable domain'
4 polymer 'Fab 1112-1 light chain variable domain'
5 polymer 'Fab 1112-1 heavy chain variable domain'
#
loop_
_entity_poly.entity_id
_entity_poly.type
_entity_poly.pdbx_seq_one_letter_code
_entity_poly.pdbx_strand_id
1 'polypeptide(L)'
;KFPIYTIPDKLGPWSPIDIHHLSCPNNLVVEDEGCTNLSGFSYMELKVGYISAIKMNGFTCTGVVTEAETYTNFVGYVTT
TFKRKHFRPTPDACRAAYNWKMAGDPRYEESLHNPYPDYHWLRTVKTTKESLVIISPSVADLDPYDRSLHSPVFPGGNCS
GVAVSSTYCSTNHDYTIWMPENPRLGMSCDIFTNSRGKRASKGSETCGFVDERGLYKSLKGACKLKLCGVLGLRLMDGTW
VAMQTSNETKWCPPGQLVNLHDFRSDEIEPLVVEELVKKREECLDALESIMTTKSVSFRRLSHLRKLVPGFGKAYTIFNK
TLMEADAHYKSVRTWNEIIPSKGCLRVGGRCHPHVNGVFFNGIILGPDGNVLIPEMQSSLLQQHMELLVSSVIPLMHPLA
DPSTVFKNGDEAEDFVEVHLPDVHERISGVDLGLPNWGKYVLLSAGALTALMLIIFLMTCWRRVNRSEPTQHNLRGTGRE
VSVTPQSGKIISSWESHKSGGETRL
;
A
2 'polypeptide(L)'
;EVQLVESGGGVVQPGRSLRLSCAASGFTFSTYAMHWVRQAPGKGLEWVAVVSYDGRTKDYADSVKGRFTISRDNSKNTLY
LQMNSLRTEDTAVYFCARERFSGAYFDYWGQGTLVTVSS
;
D
3 'polypeptide(L)'
;EIVLTQSPATLSLSPGERATLSCRASQSVSSYLAWYQQKPGQAPRLLIYDASNRATGIPARFSGSGSGTDFTLTISSLEP
EDFAVYSCQQRNNWPPTFGGGTKVEIKRA
;
E
4 'polypeptide(L)'
;DIVMTQSHKFMSTSIGDRVSITCKASQDVSTAVAWYRQKPGQSPKLLIYSASYRSTGVPDRFTGSGSGTDFTFTISSVQA
EDLAVFYCQQHYSAPLTFGAGTKLELK
;
C
5 'polypeptide(L)'
;QVQLQQPGAELLKPGTSMKLSCKASGYTFSNYWMHWVKLRPGQGFEWIGEINPFNGGTNFNEKFKSKATLTVDRSSSTAY
MQLSSVTSEDSAVYYCTIPLSDYGDWFFAVWGAGTTVTVSS
;
B
#
# COMPACT_ATOMS: atom_id res chain seq x y z
N LYS A 1 -13.60 -14.17 -13.26
CA LYS A 1 -14.25 -12.92 -13.62
C LYS A 1 -13.27 -11.75 -13.51
N PHE A 2 -12.80 -11.27 -14.65
CA PHE A 2 -11.89 -10.14 -14.67
C PHE A 2 -12.65 -8.86 -14.35
N PRO A 3 -11.97 -7.86 -13.78
CA PRO A 3 -12.60 -6.55 -13.59
C PRO A 3 -12.81 -5.87 -14.93
N ILE A 4 -13.60 -4.80 -14.90
CA ILE A 4 -13.81 -4.04 -16.13
C ILE A 4 -12.51 -3.38 -16.57
N TYR A 5 -11.63 -3.04 -15.64
CA TYR A 5 -10.36 -2.43 -15.96
C TYR A 5 -9.38 -2.67 -14.83
N THR A 6 -8.10 -2.48 -15.13
CA THR A 6 -7.03 -2.48 -14.14
C THR A 6 -6.15 -1.28 -14.38
N ILE A 7 -5.84 -0.54 -13.33
CA ILE A 7 -5.07 0.70 -13.44
C ILE A 7 -3.81 0.53 -12.60
N PRO A 8 -2.67 1.05 -13.04
CA PRO A 8 -1.45 0.93 -12.24
C PRO A 8 -1.57 1.71 -10.94
N ASP A 9 -1.51 1.00 -9.82
CA ASP A 9 -1.44 1.66 -8.52
C ASP A 9 -0.09 2.33 -8.34
N LYS A 10 0.99 1.64 -8.68
CA LYS A 10 2.33 2.19 -8.69
C LYS A 10 2.94 1.94 -10.06
N LEU A 11 3.50 2.98 -10.66
CA LEU A 11 4.07 2.92 -12.00
C LEU A 11 5.53 3.36 -11.95
N GLY A 12 6.40 2.56 -12.56
CA GLY A 12 7.82 2.86 -12.57
C GLY A 12 8.22 3.73 -13.74
N PRO A 13 9.52 3.99 -13.87
CA PRO A 13 9.99 4.81 -14.98
C PRO A 13 9.79 4.13 -16.31
N TRP A 14 9.63 4.94 -17.35
CA TRP A 14 9.44 4.43 -18.71
C TRP A 14 10.79 4.20 -19.36
N SER A 15 11.00 3.00 -19.89
CA SER A 15 12.23 2.66 -20.59
C SER A 15 11.89 2.20 -22.00
N PRO A 16 12.55 2.72 -23.02
CA PRO A 16 12.21 2.34 -24.41
C PRO A 16 12.50 0.88 -24.68
N ILE A 17 11.65 0.27 -25.51
CA ILE A 17 11.82 -1.10 -25.96
C ILE A 17 11.47 -1.18 -27.43
N ASP A 18 11.73 -2.34 -28.02
CA ASP A 18 11.24 -2.68 -29.35
C ASP A 18 10.06 -3.64 -29.24
N ILE A 19 9.38 -3.85 -30.36
CA ILE A 19 8.17 -4.67 -30.36
C ILE A 19 8.44 -6.12 -29.97
N HIS A 20 9.71 -6.54 -29.97
CA HIS A 20 10.04 -7.91 -29.62
C HIS A 20 10.21 -8.13 -28.13
N HIS A 21 10.27 -7.06 -27.33
CA HIS A 21 10.26 -7.18 -25.89
C HIS A 21 8.86 -7.15 -25.30
N LEU A 22 7.84 -6.91 -26.12
CA LEU A 22 6.47 -6.99 -25.68
C LEU A 22 6.11 -8.43 -25.33
N SER A 23 5.25 -8.58 -24.32
CA SER A 23 4.85 -9.91 -23.87
C SER A 23 3.39 -9.86 -23.45
N CYS A 24 2.74 -11.00 -23.54
CA CYS A 24 1.36 -11.07 -23.06
C CYS A 24 1.34 -11.13 -21.54
N PRO A 25 0.36 -10.49 -20.91
CA PRO A 25 0.31 -10.47 -19.44
C PRO A 25 -0.07 -11.82 -18.88
N ASN A 26 0.28 -12.01 -17.61
CA ASN A 26 -0.15 -13.19 -16.86
C ASN A 26 -1.43 -12.81 -16.13
N ASN A 27 -2.57 -13.23 -16.68
CA ASN A 27 -3.88 -12.90 -16.14
C ASN A 27 -4.38 -13.91 -15.12
N LEU A 28 -3.46 -14.62 -14.46
CA LEU A 28 -3.82 -15.70 -13.55
C LEU A 28 -3.54 -15.28 -12.11
N VAL A 29 -4.54 -15.46 -11.26
CA VAL A 29 -4.44 -15.17 -9.84
C VAL A 29 -4.62 -16.47 -9.06
N VAL A 30 -3.76 -16.70 -8.08
CA VAL A 30 -3.81 -17.89 -7.23
C VAL A 30 -4.42 -17.49 -5.89
N GLU A 31 -5.33 -18.32 -5.39
CA GLU A 31 -6.03 -18.01 -4.15
C GLU A 31 -5.30 -18.58 -2.93
N ASP A 32 -4.98 -19.87 -2.95
CA ASP A 32 -4.17 -20.52 -1.92
C ASP A 32 -4.70 -20.21 -0.52
N GLU A 33 -6.01 -20.38 -0.35
CA GLU A 33 -6.69 -20.00 0.88
C GLU A 33 -6.89 -21.19 1.83
N GLY A 34 -5.93 -22.12 1.84
CA GLY A 34 -5.99 -23.27 2.73
C GLY A 34 -5.49 -23.02 4.13
N CYS A 35 -5.12 -21.78 4.45
CA CYS A 35 -4.61 -21.42 5.77
C CYS A 35 -5.28 -20.16 6.26
N THR A 36 -5.46 -20.06 7.58
CA THR A 36 -6.31 -19.03 8.16
C THR A 36 -5.70 -18.33 9.37
N ASN A 37 -4.42 -18.53 9.66
CA ASN A 37 -3.75 -17.83 10.74
C ASN A 37 -2.93 -16.68 10.16
N LEU A 38 -3.24 -15.46 10.60
CA LEU A 38 -2.66 -14.26 10.02
C LEU A 38 -1.78 -13.57 11.05
N SER A 39 -0.53 -13.30 10.66
CA SER A 39 0.42 -12.58 11.50
C SER A 39 1.09 -11.49 10.69
N GLY A 40 1.22 -10.30 11.29
CA GLY A 40 1.82 -9.19 10.58
C GLY A 40 3.33 -9.28 10.56
N PHE A 41 3.92 -8.67 9.53
CA PHE A 41 5.38 -8.65 9.39
C PHE A 41 5.75 -7.52 8.45
N SER A 42 7.01 -7.11 8.53
CA SER A 42 7.58 -6.07 7.68
C SER A 42 8.63 -6.68 6.76
N TYR A 43 8.72 -6.13 5.55
CA TYR A 43 9.62 -6.71 4.57
C TYR A 43 10.05 -5.63 3.58
N MET A 44 11.12 -5.92 2.86
CA MET A 44 11.56 -5.12 1.73
C MET A 44 11.18 -5.82 0.44
N GLU A 45 10.46 -5.12 -0.42
CA GLU A 45 10.17 -5.61 -1.76
C GLU A 45 10.95 -4.77 -2.77
N LEU A 46 11.07 -5.32 -3.98
CA LEU A 46 11.79 -4.61 -5.04
C LEU A 46 11.05 -3.33 -5.41
N LYS A 47 11.80 -2.23 -5.51
CA LYS A 47 11.20 -0.97 -5.89
C LYS A 47 10.67 -1.05 -7.32
N VAL A 48 9.59 -0.31 -7.57
CA VAL A 48 9.01 -0.30 -8.91
C VAL A 48 10.03 0.28 -9.88
N GLY A 49 10.21 -0.39 -11.00
CA GLY A 49 11.30 -0.10 -11.92
C GLY A 49 12.46 -1.06 -11.82
N TYR A 50 12.46 -1.97 -10.85
CA TYR A 50 13.52 -2.96 -10.70
C TYR A 50 13.02 -4.38 -10.59
N ILE A 51 11.71 -4.62 -10.58
CA ILE A 51 11.20 -5.98 -10.42
C ILE A 51 11.61 -6.85 -11.60
N SER A 52 11.48 -6.31 -12.82
CA SER A 52 11.83 -7.09 -14.00
C SER A 52 13.34 -7.24 -14.14
N ALA A 53 14.06 -6.11 -14.18
CA ALA A 53 15.52 -6.15 -14.29
C ALA A 53 16.06 -4.78 -13.89
N ILE A 54 17.39 -4.72 -13.74
CA ILE A 54 18.09 -3.50 -13.37
C ILE A 54 18.80 -2.96 -14.62
N LYS A 55 18.57 -1.69 -14.92
CA LYS A 55 19.06 -1.09 -16.15
C LYS A 55 20.46 -0.51 -15.96
N MET A 56 21.21 -0.48 -17.07
CA MET A 56 22.55 0.09 -17.09
C MET A 56 22.62 1.44 -17.79
N ASN A 57 21.75 1.70 -18.75
CA ASN A 57 21.69 2.96 -19.50
C ASN A 57 23.02 3.24 -20.19
N GLY A 58 23.41 2.30 -21.06
CA GLY A 58 24.63 2.42 -21.83
C GLY A 58 24.40 3.13 -23.16
N PHE A 59 25.47 3.16 -23.96
CA PHE A 59 25.45 3.83 -25.25
C PHE A 59 26.22 3.01 -26.27
N THR A 60 25.81 3.11 -27.53
CA THR A 60 26.49 2.46 -28.64
C THR A 60 27.22 3.51 -29.46
N CYS A 61 28.51 3.28 -29.70
CA CYS A 61 29.36 4.22 -30.43
C CYS A 61 29.81 3.58 -31.73
N THR A 62 29.68 4.31 -32.83
CA THR A 62 30.09 3.84 -34.15
C THR A 62 31.36 4.58 -34.57
N GLY A 63 32.35 3.83 -35.03
CA GLY A 63 33.61 4.40 -35.47
C GLY A 63 33.48 5.22 -36.74
N HIS A 86 33.42 0.30 -41.23
CA HIS A 86 34.09 1.29 -40.39
C HIS A 86 35.39 0.74 -39.82
N PHE A 87 35.50 0.77 -38.49
CA PHE A 87 36.66 0.24 -37.80
C PHE A 87 36.30 0.00 -36.34
N ARG A 88 37.21 -0.63 -35.62
CA ARG A 88 37.00 -0.91 -34.21
C ARG A 88 37.53 0.25 -33.38
N PRO A 89 36.68 1.02 -32.72
CA PRO A 89 37.17 2.17 -31.95
C PRO A 89 37.73 1.74 -30.60
N THR A 90 38.47 2.66 -29.99
CA THR A 90 38.97 2.52 -28.65
C THR A 90 38.10 3.33 -27.71
N PRO A 91 37.64 2.76 -26.59
CA PRO A 91 36.68 3.47 -25.75
C PRO A 91 37.27 4.66 -25.00
N ASP A 92 37.96 5.54 -25.72
CA ASP A 92 38.42 6.81 -25.16
C ASP A 92 37.86 7.96 -25.99
N ALA A 93 37.99 7.84 -27.32
CA ALA A 93 37.40 8.84 -28.21
C ALA A 93 35.89 8.81 -28.14
N CYS A 94 35.30 7.62 -28.04
CA CYS A 94 33.85 7.50 -27.90
C CYS A 94 33.37 8.17 -26.62
N ARG A 95 34.11 7.98 -25.53
CA ARG A 95 33.77 8.65 -24.28
C ARG A 95 33.78 10.17 -24.45
N ALA A 96 34.80 10.69 -25.14
CA ALA A 96 34.83 12.12 -25.45
C ALA A 96 33.73 12.47 -26.45
N ALA A 97 33.49 11.61 -27.43
CA ALA A 97 32.42 11.86 -28.40
C ALA A 97 31.06 11.87 -27.72
N TYR A 98 30.84 10.96 -26.76
CA TYR A 98 29.59 10.95 -26.02
C TYR A 98 29.41 12.25 -25.24
N ASN A 99 30.50 12.77 -24.65
CA ASN A 99 30.41 14.04 -23.95
C ASN A 99 30.04 15.18 -24.90
N TRP A 100 30.61 15.17 -26.11
CA TRP A 100 30.30 16.22 -27.08
C TRP A 100 28.91 16.03 -27.68
N LYS A 101 28.44 14.79 -27.74
CA LYS A 101 27.18 14.51 -28.43
C LYS A 101 25.98 15.11 -27.69
N MET A 102 25.97 15.00 -26.35
CA MET A 102 24.84 15.51 -25.59
C MET A 102 24.83 17.03 -25.54
N ALA A 103 25.98 17.67 -25.70
CA ALA A 103 26.07 19.12 -25.64
C ALA A 103 25.57 19.75 -26.93
N PRO A 137 19.95 6.41 -25.82
CA PRO A 137 20.94 5.50 -25.25
C PRO A 137 20.61 4.04 -25.51
N SER A 138 21.20 3.13 -24.73
CA SER A 138 20.99 1.69 -24.92
C SER A 138 21.18 1.01 -23.57
N VAL A 139 20.07 0.73 -22.88
CA VAL A 139 20.11 0.13 -21.54
C VAL A 139 20.44 -1.35 -21.64
N ALA A 140 20.76 -1.97 -20.51
CA ALA A 140 21.03 -3.39 -20.46
C ALA A 140 20.59 -3.92 -19.10
N ASP A 141 20.35 -5.23 -19.04
CA ASP A 141 19.81 -5.88 -17.85
C ASP A 141 20.82 -6.87 -17.30
N LEU A 142 20.97 -6.88 -15.98
CA LEU A 142 21.83 -7.84 -15.30
C LEU A 142 20.99 -9.00 -14.75
N ASP A 143 21.64 -10.14 -14.59
CA ASP A 143 21.03 -11.26 -13.91
C ASP A 143 21.61 -11.34 -12.51
N PRO A 144 20.82 -11.07 -11.45
CA PRO A 144 21.41 -11.01 -10.10
C PRO A 144 22.03 -12.31 -9.64
N TYR A 145 21.65 -13.45 -10.23
CA TYR A 145 22.24 -14.72 -9.83
C TYR A 145 23.70 -14.82 -10.25
N ASP A 146 24.07 -14.24 -11.41
CA ASP A 146 25.42 -14.36 -11.93
C ASP A 146 26.03 -13.06 -12.42
N ARG A 147 25.27 -11.96 -12.43
CA ARG A 147 25.72 -10.67 -12.96
C ARG A 147 26.20 -10.81 -14.40
N SER A 148 25.28 -11.21 -15.26
CA SER A 148 25.51 -11.32 -16.70
C SER A 148 24.59 -10.34 -17.41
N LEU A 149 25.17 -9.43 -18.19
CA LEU A 149 24.39 -8.41 -18.87
C LEU A 149 23.53 -9.02 -19.96
N HIS A 150 22.34 -8.44 -20.15
CA HIS A 150 21.39 -8.88 -21.17
C HIS A 150 21.00 -7.69 -22.03
N SER A 151 21.04 -7.88 -23.35
CA SER A 151 20.69 -6.84 -24.31
C SER A 151 20.54 -7.47 -25.69
N PRO A 152 19.64 -6.95 -26.54
CA PRO A 152 19.54 -7.49 -27.91
C PRO A 152 20.82 -7.34 -28.71
N VAL A 153 21.59 -6.26 -28.50
CA VAL A 153 22.81 -6.07 -29.27
C VAL A 153 23.83 -7.14 -28.93
N PHE A 154 23.87 -7.59 -27.69
CA PHE A 154 24.79 -8.67 -27.31
C PHE A 154 24.39 -9.94 -28.04
N PRO A 155 25.35 -10.64 -28.65
CA PRO A 155 25.00 -11.88 -29.37
C PRO A 155 24.42 -12.93 -28.44
N GLY A 156 23.13 -13.21 -28.59
CA GLY A 156 22.44 -14.09 -27.66
C GLY A 156 22.39 -13.57 -26.24
N GLY A 157 22.66 -12.28 -26.04
CA GLY A 157 22.76 -11.74 -24.70
C GLY A 157 23.94 -12.33 -23.96
N ASN A 158 23.81 -12.37 -22.63
CA ASN A 158 24.76 -13.07 -21.75
C ASN A 158 26.18 -12.51 -21.88
N CYS A 159 26.30 -11.19 -21.67
CA CYS A 159 27.63 -10.57 -21.54
C CYS A 159 28.14 -10.85 -20.14
N SER A 160 28.64 -12.08 -19.96
CA SER A 160 29.01 -12.54 -18.62
C SER A 160 30.17 -11.73 -18.05
N GLY A 161 31.16 -11.42 -18.88
CA GLY A 161 32.32 -10.68 -18.40
C GLY A 161 32.20 -9.19 -18.58
N VAL A 162 32.02 -8.46 -17.49
CA VAL A 162 31.92 -7.00 -17.53
C VAL A 162 32.95 -6.34 -16.61
N ALA A 163 33.38 -7.01 -15.55
CA ALA A 163 34.33 -6.41 -14.62
C ALA A 163 35.65 -7.17 -14.61
N VAL A 164 35.60 -8.48 -14.37
CA VAL A 164 36.83 -9.25 -14.18
C VAL A 164 37.34 -9.80 -15.50
N SER A 165 36.44 -10.38 -16.32
CA SER A 165 36.88 -11.02 -17.56
C SER A 165 37.36 -9.98 -18.57
N SER A 166 36.57 -8.94 -18.79
CA SER A 166 36.92 -7.90 -19.75
C SER A 166 36.19 -6.62 -19.36
N THR A 167 36.68 -5.51 -19.91
CA THR A 167 36.06 -4.21 -19.68
C THR A 167 35.04 -3.85 -20.75
N TYR A 168 34.75 -4.75 -21.68
CA TYR A 168 33.80 -4.48 -22.76
C TYR A 168 33.27 -5.81 -23.28
N CYS A 169 32.17 -5.72 -24.02
CA CYS A 169 31.69 -6.83 -24.84
C CYS A 169 30.98 -6.25 -26.05
N SER A 170 31.40 -6.70 -27.23
CA SER A 170 30.91 -6.12 -28.47
C SER A 170 29.45 -6.49 -28.73
N THR A 171 28.84 -5.76 -29.66
CA THR A 171 27.46 -6.01 -30.05
C THR A 171 27.39 -7.19 -31.00
N ASN A 172 26.18 -7.47 -31.49
CA ASN A 172 26.02 -8.53 -32.50
C ASN A 172 26.74 -8.16 -33.78
N HIS A 173 26.66 -6.89 -34.19
CA HIS A 173 27.48 -6.40 -35.28
C HIS A 173 28.93 -6.29 -34.82
N ASP A 174 29.85 -6.80 -35.64
CA ASP A 174 31.25 -6.88 -35.22
C ASP A 174 31.87 -5.50 -35.01
N TYR A 175 31.59 -4.56 -35.91
CA TYR A 175 32.28 -3.28 -35.88
C TYR A 175 31.89 -2.45 -34.67
N THR A 176 30.59 -2.36 -34.38
CA THR A 176 30.11 -1.52 -33.30
C THR A 176 30.32 -2.18 -31.95
N ILE A 177 30.54 -1.35 -30.93
CA ILE A 177 30.71 -1.82 -29.57
C ILE A 177 29.79 -1.02 -28.65
N TRP A 178 29.52 -1.59 -27.48
CA TRP A 178 28.69 -0.97 -26.46
C TRP A 178 29.52 -0.76 -25.19
N MET A 179 29.36 0.41 -24.57
CA MET A 179 30.12 0.74 -23.38
C MET A 179 29.20 1.21 -22.27
N PRO A 180 29.35 0.67 -21.05
CA PRO A 180 28.51 1.14 -19.94
C PRO A 180 28.76 2.60 -19.62
N GLU A 181 27.68 3.32 -19.30
CA GLU A 181 27.84 4.70 -18.85
C GLU A 181 28.49 4.76 -17.48
N ASN A 182 28.05 3.89 -16.56
CA ASN A 182 28.63 3.80 -15.23
C ASN A 182 29.94 3.03 -15.29
N PRO A 183 30.74 3.09 -14.22
CA PRO A 183 31.96 2.26 -14.16
C PRO A 183 31.66 0.78 -14.34
N ARG A 184 32.71 0.02 -14.60
CA ARG A 184 32.57 -1.40 -14.94
C ARG A 184 32.22 -2.22 -13.70
N LEU A 185 31.04 -1.97 -13.14
CA LEU A 185 30.55 -2.70 -11.98
C LEU A 185 29.04 -2.55 -11.92
N GLY A 186 28.40 -3.46 -11.19
CA GLY A 186 26.97 -3.44 -11.06
C GLY A 186 26.47 -3.06 -9.68
N MET A 187 25.75 -1.95 -9.58
CA MET A 187 25.16 -1.49 -8.33
C MET A 187 23.68 -1.83 -8.35
N SER A 188 23.27 -2.76 -7.49
CA SER A 188 21.87 -3.17 -7.38
C SER A 188 21.49 -3.32 -5.92
N CYS A 189 21.86 -2.33 -5.10
CA CYS A 189 21.61 -2.37 -3.66
C CYS A 189 20.49 -1.47 -3.19
N ASP A 190 20.44 -0.22 -3.67
CA ASP A 190 19.39 0.70 -3.24
C ASP A 190 18.16 0.59 -4.16
N ILE A 191 17.57 -0.61 -4.17
CA ILE A 191 16.47 -0.91 -5.07
C ILE A 191 15.30 -1.49 -4.31
N PHE A 192 15.23 -1.23 -3.01
CA PHE A 192 14.21 -1.82 -2.16
C PHE A 192 13.35 -0.76 -1.51
N THR A 193 12.08 -1.10 -1.27
CA THR A 193 11.15 -0.26 -0.54
C THR A 193 10.55 -1.07 0.60
N ASN A 194 10.33 -0.39 1.73
CA ASN A 194 9.82 -1.07 2.92
C ASN A 194 8.30 -1.17 2.87
N SER A 195 7.77 -2.34 3.19
CA SER A 195 6.34 -2.60 3.14
C SER A 195 5.93 -3.35 4.39
N ARG A 196 4.63 -3.66 4.47
CA ARG A 196 4.06 -4.41 5.57
C ARG A 196 3.00 -5.35 5.03
N GLY A 197 2.75 -6.44 5.75
CA GLY A 197 1.79 -7.41 5.26
C GLY A 197 1.29 -8.33 6.35
N LYS A 198 0.31 -9.15 5.98
CA LYS A 198 -0.29 -10.14 6.88
C LYS A 198 0.08 -11.52 6.36
N ARG A 199 0.96 -12.21 7.08
CA ARG A 199 1.41 -13.53 6.65
C ARG A 199 0.29 -14.55 6.83
N ALA A 200 0.33 -15.59 6.00
CA ALA A 200 -0.59 -16.74 6.12
C ALA A 200 0.27 -17.99 6.04
N SER A 201 0.43 -18.70 7.17
CA SER A 201 1.45 -19.73 7.28
C SER A 201 0.92 -21.08 7.73
N LYS A 202 -0.40 -21.27 7.78
CA LYS A 202 -0.99 -22.54 8.20
C LYS A 202 -0.41 -23.02 9.52
N GLY A 203 0.25 -24.18 9.52
CA GLY A 203 0.96 -24.60 10.71
C GLY A 203 2.29 -23.89 10.83
N SER A 204 3.20 -24.16 9.91
CA SER A 204 4.50 -23.52 9.88
C SER A 204 4.96 -23.08 8.50
N GLU A 205 4.43 -23.68 7.43
CA GLU A 205 4.85 -23.35 6.07
C GLU A 205 3.94 -22.25 5.51
N THR A 206 4.55 -21.16 5.09
CA THR A 206 3.79 -20.00 4.62
C THR A 206 3.07 -20.30 3.32
N CYS A 207 1.78 -19.98 3.27
CA CYS A 207 1.05 -20.01 2.01
C CYS A 207 1.34 -18.75 1.20
N GLY A 208 0.99 -17.61 1.75
CA GLY A 208 1.19 -16.34 1.10
C GLY A 208 0.97 -15.21 2.09
N PHE A 209 0.98 -13.99 1.56
CA PHE A 209 0.76 -12.83 2.40
C PHE A 209 -0.11 -11.82 1.65
N VAL A 210 -0.78 -10.97 2.42
CA VAL A 210 -1.58 -9.88 1.89
C VAL A 210 -0.79 -8.58 2.09
N ASP A 211 -0.40 -7.95 0.99
CA ASP A 211 0.49 -6.79 1.07
C ASP A 211 -0.31 -5.54 1.44
N GLU A 212 0.34 -4.38 1.33
CA GLU A 212 -0.30 -3.12 1.69
C GLU A 212 -1.49 -2.79 0.80
N ARG A 213 -1.53 -3.33 -0.41
CA ARG A 213 -2.61 -3.05 -1.35
C ARG A 213 -3.77 -4.03 -1.23
N GLY A 214 -3.78 -4.85 -0.18
CA GLY A 214 -4.87 -5.80 0.02
C GLY A 214 -4.86 -6.97 -0.92
N LEU A 215 -3.77 -7.20 -1.65
CA LEU A 215 -3.68 -8.27 -2.63
C LEU A 215 -2.95 -9.46 -2.01
N TYR A 216 -3.52 -10.65 -2.18
CA TYR A 216 -2.89 -11.86 -1.67
C TYR A 216 -1.82 -12.32 -2.64
N LYS A 217 -0.59 -12.42 -2.16
CA LYS A 217 0.54 -12.88 -2.96
C LYS A 217 1.02 -14.20 -2.38
N SER A 218 0.83 -15.28 -3.12
CA SER A 218 1.18 -16.61 -2.66
C SER A 218 2.67 -16.89 -2.86
N LEU A 219 3.24 -17.66 -1.94
CA LEU A 219 4.62 -18.11 -2.02
C LEU A 219 4.76 -19.48 -2.66
N LYS A 220 3.69 -20.05 -3.20
CA LYS A 220 3.80 -21.32 -3.90
C LYS A 220 4.62 -21.15 -5.17
N GLY A 221 5.57 -22.07 -5.37
CA GLY A 221 6.46 -21.97 -6.51
C GLY A 221 7.51 -20.89 -6.42
N ALA A 222 7.56 -20.14 -5.32
CA ALA A 222 8.54 -19.06 -5.19
C ALA A 222 9.95 -19.63 -5.17
N CYS A 223 10.87 -18.87 -5.76
CA CYS A 223 12.26 -19.30 -5.91
C CYS A 223 13.17 -18.38 -5.11
N LYS A 224 14.07 -18.97 -4.33
CA LYS A 224 14.97 -18.19 -3.49
C LYS A 224 15.94 -17.39 -4.36
N LEU A 225 16.07 -16.11 -4.07
CA LEU A 225 16.94 -15.23 -4.83
C LEU A 225 17.51 -14.18 -3.89
N LYS A 226 18.80 -13.88 -4.05
CA LYS A 226 19.53 -13.01 -3.15
C LYS A 226 19.90 -11.71 -3.86
N LEU A 227 19.55 -10.58 -3.24
CA LEU A 227 19.82 -9.26 -3.78
C LEU A 227 20.57 -8.44 -2.74
N CYS A 228 21.85 -8.19 -2.98
CA CYS A 228 22.70 -7.39 -2.09
C CYS A 228 22.68 -7.92 -0.66
N GLY A 229 22.89 -9.23 -0.52
CA GLY A 229 23.00 -9.85 0.78
C GLY A 229 21.69 -10.16 1.46
N VAL A 230 20.55 -9.83 0.85
CA VAL A 230 19.24 -10.10 1.42
C VAL A 230 18.68 -11.28 0.64
N LEU A 231 18.67 -12.45 1.26
CA LEU A 231 18.13 -13.65 0.63
C LEU A 231 16.62 -13.63 0.76
N GLY A 232 15.93 -13.32 -0.34
CA GLY A 232 14.48 -13.28 -0.32
C GLY A 232 13.86 -14.36 -1.17
N LEU A 233 12.65 -14.10 -1.66
CA LEU A 233 11.93 -15.03 -2.52
C LEU A 233 11.37 -14.27 -3.71
N ARG A 234 11.57 -14.81 -4.91
CA ARG A 234 11.02 -14.21 -6.13
CA ARG A 234 11.02 -14.22 -6.13
C ARG A 234 9.70 -14.92 -6.42
N LEU A 235 8.60 -14.23 -6.15
CA LEU A 235 7.29 -14.82 -6.39
C LEU A 235 7.06 -14.96 -7.89
N MET A 236 6.35 -16.02 -8.28
CA MET A 236 6.16 -16.27 -9.69
C MET A 236 5.16 -15.32 -10.34
N ASP A 237 4.57 -14.40 -9.57
CA ASP A 237 3.88 -13.26 -10.16
C ASP A 237 4.84 -12.15 -10.54
N GLY A 238 6.13 -12.29 -10.22
CA GLY A 238 7.14 -11.35 -10.64
C GLY A 238 7.88 -10.67 -9.50
N THR A 239 7.16 -10.32 -8.44
CA THR A 239 7.72 -9.52 -7.37
C THR A 239 8.74 -10.31 -6.55
N TRP A 240 9.70 -9.58 -5.99
CA TRP A 240 10.69 -10.14 -5.07
C TRP A 240 10.41 -9.60 -3.67
N VAL A 241 10.36 -10.50 -2.69
CA VAL A 241 10.02 -10.16 -1.33
C VAL A 241 11.10 -10.69 -0.39
N ALA A 242 11.54 -9.85 0.55
CA ALA A 242 12.59 -10.22 1.49
C ALA A 242 12.00 -11.09 2.59
N MET A 243 11.85 -12.38 2.28
CA MET A 243 11.35 -13.36 3.23
C MET A 243 12.28 -14.56 3.24
N GLN A 244 12.64 -15.02 4.44
CA GLN A 244 13.43 -16.23 4.60
C GLN A 244 12.60 -17.39 5.14
N THR A 245 11.26 -17.24 5.16
CA THR A 245 10.41 -18.28 5.73
C THR A 245 10.55 -19.60 4.99
N SER A 246 10.86 -19.55 3.70
CA SER A 246 11.08 -20.78 2.95
C SER A 246 12.28 -21.54 3.52
N ASN A 247 12.07 -22.82 3.80
CA ASN A 247 13.13 -23.62 4.41
C ASN A 247 14.12 -24.14 3.38
N GLU A 248 13.65 -24.96 2.43
CA GLU A 248 14.52 -25.55 1.43
C GLU A 248 13.83 -25.52 0.06
N THR A 249 13.24 -24.38 -0.27
CA THR A 249 12.74 -24.19 -1.63
C THR A 249 13.91 -24.09 -2.61
N LYS A 250 13.66 -24.52 -3.83
CA LYS A 250 14.72 -24.60 -4.83
C LYS A 250 15.30 -23.23 -5.14
N TRP A 251 16.63 -23.17 -5.24
CA TRP A 251 17.28 -21.94 -5.68
C TRP A 251 16.81 -21.56 -7.07
N CYS A 252 16.72 -20.27 -7.31
CA CYS A 252 15.91 -19.78 -8.42
C CYS A 252 16.72 -19.85 -9.72
N PRO A 253 16.22 -20.50 -10.75
CA PRO A 253 17.00 -20.69 -11.98
C PRO A 253 17.22 -19.36 -12.69
N PRO A 254 18.30 -19.25 -13.47
CA PRO A 254 18.59 -18.00 -14.17
C PRO A 254 17.71 -17.70 -15.37
N GLY A 255 16.62 -18.46 -15.56
CA GLY A 255 15.72 -18.24 -16.66
C GLY A 255 14.76 -17.09 -16.51
N GLN A 256 14.87 -16.35 -15.41
CA GLN A 256 14.07 -15.16 -15.06
C GLN A 256 12.58 -15.44 -15.32
N LEU A 257 11.81 -14.40 -15.65
CA LEU A 257 10.37 -14.54 -15.83
C LEU A 257 9.98 -15.09 -17.19
N VAL A 258 10.93 -15.28 -18.11
CA VAL A 258 10.62 -15.85 -19.40
C VAL A 258 10.27 -17.33 -19.29
N ASN A 259 10.66 -17.98 -18.19
CA ASN A 259 10.42 -19.40 -18.02
C ASN A 259 8.93 -19.70 -17.86
N LEU A 260 8.57 -20.97 -18.02
CA LEU A 260 7.19 -21.39 -17.93
C LEU A 260 6.65 -21.14 -16.53
N HIS A 261 5.52 -20.44 -16.45
CA HIS A 261 4.97 -20.06 -15.15
C HIS A 261 4.15 -21.17 -14.49
N ASP A 262 3.82 -22.22 -15.24
CA ASP A 262 3.05 -23.36 -14.73
C ASP A 262 1.78 -22.82 -14.08
N PHE A 263 1.46 -23.19 -12.83
CA PHE A 263 0.36 -22.62 -12.06
C PHE A 263 -1.00 -22.95 -12.65
N ARG A 264 -1.01 -23.62 -13.80
CA ARG A 264 -2.24 -24.10 -14.41
C ARG A 264 -2.22 -25.60 -14.65
N SER A 265 -1.03 -26.23 -14.62
CA SER A 265 -0.96 -27.67 -14.69
C SER A 265 -1.51 -28.31 -13.42
N ASP A 266 -1.75 -27.50 -12.39
CA ASP A 266 -2.39 -27.96 -11.17
C ASP A 266 -3.90 -28.07 -11.38
N GLU A 267 -4.34 -27.80 -12.60
CA GLU A 267 -5.75 -27.88 -12.98
C GLU A 267 -6.61 -26.96 -12.12
N ILE A 268 -6.34 -25.67 -12.24
CA ILE A 268 -7.04 -24.66 -11.43
C ILE A 268 -8.34 -24.34 -12.18
N GLU A 269 -9.37 -25.15 -11.89
CA GLU A 269 -10.71 -24.96 -12.41
C GLU A 269 -10.70 -24.79 -13.92
N PRO A 270 -10.53 -25.87 -14.69
CA PRO A 270 -10.37 -25.76 -16.16
C PRO A 270 -11.38 -24.85 -16.84
N LEU A 271 -12.51 -24.59 -16.20
CA LEU A 271 -13.43 -23.56 -16.70
C LEU A 271 -12.79 -22.18 -16.64
N VAL A 272 -12.05 -21.90 -15.56
CA VAL A 272 -11.34 -20.63 -15.46
C VAL A 272 -10.25 -20.54 -16.51
N VAL A 273 -9.51 -21.63 -16.73
CA VAL A 273 -8.44 -21.64 -17.72
C VAL A 273 -9.00 -21.46 -19.12
N GLU A 274 -10.28 -21.76 -19.34
CA GLU A 274 -10.89 -21.55 -20.64
C GLU A 274 -10.84 -20.08 -21.03
N GLU A 275 -11.32 -19.19 -20.16
CA GLU A 275 -11.26 -17.77 -20.46
C GLU A 275 -9.84 -17.24 -20.35
N LEU A 276 -9.02 -17.86 -19.50
CA LEU A 276 -7.61 -17.49 -19.42
C LEU A 276 -6.92 -17.71 -20.76
N VAL A 277 -7.15 -18.89 -21.37
CA VAL A 277 -6.60 -19.19 -22.68
C VAL A 277 -7.23 -18.30 -23.76
N LYS A 278 -8.52 -17.98 -23.62
CA LYS A 278 -9.16 -17.10 -24.59
C LYS A 278 -8.52 -15.72 -24.59
N LYS A 279 -8.30 -15.15 -23.40
CA LYS A 279 -7.64 -13.86 -23.28
C LYS A 279 -6.20 -13.93 -23.79
N ARG A 280 -5.51 -15.03 -23.50
CA ARG A 280 -4.15 -15.20 -24.01
C ARG A 280 -4.15 -15.24 -25.54
N GLU A 281 -5.14 -15.89 -26.13
CA GLU A 281 -5.21 -15.95 -27.58
C GLU A 281 -5.51 -14.59 -28.19
N GLU A 282 -6.38 -13.80 -27.54
CA GLU A 282 -6.62 -12.44 -28.02
C GLU A 282 -5.36 -11.60 -27.95
N CYS A 283 -4.64 -11.69 -26.83
CA CYS A 283 -3.38 -10.94 -26.69
C CYS A 283 -2.35 -11.41 -27.70
N LEU A 284 -2.31 -12.72 -27.97
CA LEU A 284 -1.36 -13.26 -28.94
C LEU A 284 -1.71 -12.80 -30.36
N ASP A 285 -3.01 -12.70 -30.67
CA ASP A 285 -3.41 -12.13 -31.94
C ASP A 285 -2.93 -10.69 -32.09
N ALA A 286 -3.15 -9.89 -31.04
CA ALA A 286 -2.68 -8.50 -31.07
C ALA A 286 -1.16 -8.43 -31.20
N LEU A 287 -0.44 -9.27 -30.47
CA LEU A 287 1.02 -9.24 -30.48
C LEU A 287 1.57 -9.70 -31.82
N GLU A 288 0.98 -10.73 -32.41
CA GLU A 288 1.41 -11.20 -33.72
C GLU A 288 1.13 -10.15 -34.78
N SER A 289 -0.01 -9.47 -34.70
CA SER A 289 -0.28 -8.37 -35.61
C SER A 289 0.75 -7.27 -35.45
N ILE A 290 1.12 -6.95 -34.21
CA ILE A 290 2.11 -5.91 -33.95
C ILE A 290 3.45 -6.28 -34.57
N MET A 291 3.85 -7.55 -34.43
CA MET A 291 5.17 -7.95 -34.94
C MET A 291 5.19 -8.13 -36.45
N THR A 292 4.09 -8.58 -37.06
CA THR A 292 4.07 -8.70 -38.52
C THR A 292 3.98 -7.34 -39.18
N THR A 293 3.11 -6.45 -38.68
CA THR A 293 2.99 -5.12 -39.25
C THR A 293 4.10 -4.18 -38.80
N LYS A 294 4.83 -4.54 -37.74
CA LYS A 294 5.90 -3.72 -37.17
C LYS A 294 5.40 -2.36 -36.69
N SER A 295 4.09 -2.23 -36.48
CA SER A 295 3.49 -0.99 -36.04
C SER A 295 2.50 -1.27 -34.93
N VAL A 296 2.35 -0.31 -34.01
CA VAL A 296 1.50 -0.45 -32.85
C VAL A 296 0.48 0.67 -32.85
N SER A 297 -0.80 0.31 -32.71
CA SER A 297 -1.85 1.26 -32.44
C SER A 297 -2.21 1.23 -30.96
N PHE A 298 -3.00 2.22 -30.54
CA PHE A 298 -3.40 2.27 -29.14
C PHE A 298 -4.39 1.17 -28.79
N ARG A 299 -5.25 0.78 -29.73
CA ARG A 299 -6.19 -0.31 -29.48
C ARG A 299 -5.48 -1.65 -29.40
N ARG A 300 -4.42 -1.86 -30.18
CA ARG A 300 -3.63 -3.07 -30.04
C ARG A 300 -2.74 -3.03 -28.81
N LEU A 301 -2.27 -1.85 -28.41
CA LEU A 301 -1.51 -1.75 -27.18
C LEU A 301 -2.38 -1.98 -25.95
N SER A 302 -3.68 -1.70 -26.06
CA SER A 302 -4.58 -1.93 -24.94
C SER A 302 -4.81 -3.41 -24.65
N HIS A 303 -4.42 -4.30 -25.57
CA HIS A 303 -4.57 -5.73 -25.36
C HIS A 303 -3.47 -6.34 -24.52
N LEU A 304 -2.37 -5.62 -24.33
CA LEU A 304 -1.26 -6.10 -23.50
C LEU A 304 -1.40 -5.71 -22.04
N ARG A 305 -2.50 -5.06 -21.67
CA ARG A 305 -2.73 -4.69 -20.28
C ARG A 305 -3.04 -5.91 -19.44
N LYS A 306 -2.47 -5.96 -18.23
CA LYS A 306 -2.78 -7.03 -17.30
C LYS A 306 -4.23 -6.93 -16.86
N LEU A 307 -4.97 -8.03 -16.99
CA LEU A 307 -6.40 -8.02 -16.70
C LEU A 307 -6.71 -8.28 -15.24
N VAL A 308 -5.71 -8.54 -14.41
CA VAL A 308 -5.92 -8.81 -12.99
C VAL A 308 -5.00 -7.92 -12.17
N PRO A 309 -5.37 -7.58 -10.93
CA PRO A 309 -4.45 -6.81 -10.08
C PRO A 309 -3.20 -7.61 -9.76
N GLY A 310 -2.11 -6.89 -9.59
CA GLY A 310 -0.82 -7.47 -9.32
C GLY A 310 0.25 -6.75 -10.09
N PHE A 311 1.46 -7.30 -10.06
CA PHE A 311 2.57 -6.69 -10.78
C PHE A 311 2.51 -7.06 -12.26
N GLY A 312 2.84 -6.10 -13.10
CA GLY A 312 2.85 -6.34 -14.53
C GLY A 312 3.58 -5.23 -15.25
N LYS A 313 3.39 -5.20 -16.56
CA LYS A 313 4.02 -4.22 -17.42
C LYS A 313 2.98 -3.25 -17.96
N ALA A 314 3.35 -1.97 -18.03
CA ALA A 314 2.55 -0.96 -18.67
C ALA A 314 3.28 -0.47 -19.91
N TYR A 315 2.55 -0.25 -20.99
CA TYR A 315 3.14 0.11 -22.26
C TYR A 315 2.52 1.39 -22.80
N THR A 316 3.30 2.14 -23.57
CA THR A 316 2.85 3.37 -24.18
C THR A 316 3.76 3.69 -25.35
N ILE A 317 3.35 4.67 -26.15
CA ILE A 317 4.15 5.20 -27.25
C ILE A 317 4.44 6.67 -26.93
N PHE A 318 5.71 6.99 -26.74
CA PHE A 318 6.15 8.37 -26.52
C PHE A 318 7.02 8.78 -27.70
N ASN A 319 6.48 9.65 -28.56
CA ASN A 319 7.19 10.14 -29.74
C ASN A 319 7.62 8.98 -30.64
N LYS A 320 6.67 8.11 -30.97
CA LYS A 320 6.90 6.95 -31.82
C LYS A 320 7.97 6.02 -31.25
N THR A 321 8.10 5.99 -29.94
CA THR A 321 8.99 5.07 -29.24
C THR A 321 8.16 4.19 -28.32
N LEU A 322 8.31 2.89 -28.43
CA LEU A 322 7.61 1.95 -27.56
C LEU A 322 8.27 1.95 -26.19
N MET A 323 7.47 2.15 -25.16
CA MET A 323 7.94 2.24 -23.79
C MET A 323 7.34 1.12 -22.95
N GLU A 324 8.04 0.71 -21.91
CA GLU A 324 7.45 -0.15 -20.89
C GLU A 324 7.85 0.38 -19.52
N ALA A 325 7.04 0.03 -18.53
CA ALA A 325 7.31 0.40 -17.15
C ALA A 325 6.74 -0.67 -16.23
N ASP A 326 7.41 -0.86 -15.09
CA ASP A 326 6.87 -1.73 -14.06
C ASP A 326 5.60 -1.11 -13.47
N ALA A 327 4.57 -1.93 -13.31
CA ALA A 327 3.30 -1.43 -12.79
C ALA A 327 2.70 -2.44 -11.84
N HIS A 328 2.13 -1.93 -10.73
CA HIS A 328 1.34 -2.74 -9.81
C HIS A 328 -0.12 -2.42 -10.08
N TYR A 329 -0.78 -3.26 -10.88
CA TYR A 329 -2.15 -3.00 -11.26
C TYR A 329 -3.09 -3.23 -10.09
N LYS A 330 -4.17 -2.44 -10.05
CA LYS A 330 -5.25 -2.63 -9.10
C LYS A 330 -6.57 -2.69 -9.84
N SER A 331 -7.51 -3.42 -9.26
CA SER A 331 -8.81 -3.60 -9.90
C SER A 331 -9.58 -2.29 -9.96
N VAL A 332 -10.23 -2.05 -11.09
CA VAL A 332 -11.09 -0.90 -11.29
C VAL A 332 -12.52 -1.41 -11.38
N ARG A 333 -13.38 -0.89 -10.50
CA ARG A 333 -14.76 -1.35 -10.44
C ARG A 333 -15.68 -0.50 -11.31
N THR A 334 -15.46 0.81 -11.37
CA THR A 334 -16.26 1.71 -12.18
C THR A 334 -15.33 2.62 -12.95
N TRP A 335 -15.83 3.14 -14.07
CA TRP A 335 -15.05 4.11 -14.84
C TRP A 335 -14.94 5.45 -14.13
N ASN A 336 -15.82 5.73 -13.17
CA ASN A 336 -15.72 6.95 -12.39
C ASN A 336 -14.54 6.94 -11.43
N GLU A 337 -13.98 5.76 -11.14
CA GLU A 337 -12.81 5.67 -10.28
C GLU A 337 -11.62 6.39 -10.88
N ILE A 338 -11.40 6.22 -12.19
CA ILE A 338 -10.16 6.65 -12.82
C ILE A 338 -10.33 7.86 -13.73
N ILE A 339 -11.56 8.29 -13.98
CA ILE A 339 -11.79 9.52 -14.74
C ILE A 339 -12.76 10.39 -13.95
N PRO A 340 -12.30 11.11 -12.93
CA PRO A 340 -13.21 11.97 -12.16
C PRO A 340 -13.71 13.17 -12.94
N SER A 341 -12.81 13.94 -13.53
CA SER A 341 -13.15 15.15 -14.26
C SER A 341 -12.94 14.93 -15.76
N LYS A 342 -13.08 16.01 -16.52
CA LYS A 342 -13.15 15.89 -17.98
C LYS A 342 -11.88 15.31 -18.58
N GLY A 343 -10.73 15.90 -18.24
CA GLY A 343 -9.50 15.48 -18.88
C GLY A 343 -8.49 14.87 -17.93
N CYS A 344 -8.96 14.28 -16.83
CA CYS A 344 -8.10 13.73 -15.81
C CYS A 344 -8.20 12.21 -15.79
N LEU A 345 -7.05 11.55 -15.84
CA LEU A 345 -6.93 10.13 -15.56
C LEU A 345 -6.31 9.99 -14.18
N ARG A 346 -7.04 9.37 -13.26
CA ARG A 346 -6.60 9.29 -11.86
C ARG A 346 -5.71 8.07 -11.69
N VAL A 347 -4.40 8.31 -11.61
CA VAL A 347 -3.41 7.27 -11.38
C VAL A 347 -2.59 7.68 -10.17
N GLY A 348 -2.53 6.80 -9.17
CA GLY A 348 -1.79 7.10 -7.97
C GLY A 348 -2.30 8.28 -7.19
N GLY A 349 -3.62 8.48 -7.17
CA GLY A 349 -4.18 9.57 -6.40
C GLY A 349 -3.97 10.95 -6.98
N ARG A 350 -3.75 11.06 -8.28
CA ARG A 350 -3.50 12.37 -8.89
C ARG A 350 -3.85 12.29 -10.37
N CYS A 351 -3.98 13.47 -10.99
CA CYS A 351 -4.14 13.55 -12.43
C CYS A 351 -2.83 13.13 -13.10
N HIS A 352 -2.85 11.97 -13.74
CA HIS A 352 -1.63 11.48 -14.38
C HIS A 352 -1.23 12.42 -15.51
N PRO A 353 0.04 12.81 -15.59
CA PRO A 353 0.49 13.76 -16.63
C PRO A 353 0.69 13.06 -17.96
N HIS A 354 -0.14 13.42 -18.94
CA HIS A 354 0.06 12.94 -20.30
C HIS A 354 1.18 13.71 -20.97
N VAL A 355 1.85 13.05 -21.92
CA VAL A 355 2.80 13.71 -22.79
C VAL A 355 2.31 13.54 -24.22
N ASN A 356 2.12 14.65 -24.92
CA ASN A 356 1.56 14.71 -26.26
C ASN A 356 0.16 14.09 -26.34
N GLY A 357 -0.49 13.86 -25.21
CA GLY A 357 -1.84 13.34 -25.19
C GLY A 357 -2.00 11.85 -25.01
N VAL A 358 -0.94 11.14 -24.66
CA VAL A 358 -0.98 9.69 -24.45
C VAL A 358 -0.55 9.39 -23.02
N PHE A 359 -1.32 8.54 -22.34
CA PHE A 359 -0.98 8.18 -20.97
C PHE A 359 -0.23 6.86 -20.87
N PHE A 360 -0.90 5.75 -21.14
CA PHE A 360 -0.32 4.41 -21.13
C PHE A 360 -1.42 3.41 -21.46
N ASN A 361 -1.01 2.21 -21.89
CA ASN A 361 -1.91 1.08 -22.12
C ASN A 361 -3.03 1.44 -23.09
N GLY A 362 -2.71 2.25 -24.10
CA GLY A 362 -3.69 2.64 -25.09
C GLY A 362 -4.56 3.81 -24.71
N ILE A 363 -4.44 4.34 -23.51
CA ILE A 363 -5.22 5.49 -23.09
C ILE A 363 -4.60 6.75 -23.69
N ILE A 364 -5.42 7.57 -24.33
CA ILE A 364 -4.97 8.80 -24.95
C ILE A 364 -5.99 9.90 -24.64
N LEU A 365 -5.57 11.14 -24.86
CA LEU A 365 -6.45 12.29 -24.76
C LEU A 365 -7.11 12.54 -26.10
N GLY A 366 -8.43 12.67 -26.10
CA GLY A 366 -9.18 12.84 -27.32
C GLY A 366 -9.02 14.21 -27.93
N PRO A 367 -9.53 14.39 -29.15
CA PRO A 367 -9.51 15.72 -29.77
C PRO A 367 -10.25 16.77 -28.98
N ASP A 368 -11.35 16.39 -28.31
CA ASP A 368 -12.11 17.29 -27.48
C ASP A 368 -11.57 17.42 -26.06
N GLY A 369 -10.50 16.69 -25.74
CA GLY A 369 -9.93 16.72 -24.42
C GLY A 369 -10.39 15.64 -23.48
N ASN A 370 -11.15 14.65 -23.97
CA ASN A 370 -11.62 13.55 -23.16
C ASN A 370 -10.58 12.45 -23.11
N VAL A 371 -10.48 11.78 -21.96
CA VAL A 371 -9.59 10.64 -21.79
C VAL A 371 -10.23 9.43 -22.46
N LEU A 372 -9.59 8.93 -23.51
CA LEU A 372 -10.12 7.83 -24.31
C LEU A 372 -9.43 6.53 -23.89
N ILE A 373 -10.13 5.73 -23.10
CA ILE A 373 -9.68 4.40 -22.74
C ILE A 373 -10.30 3.42 -23.74
N PRO A 374 -9.49 2.66 -24.49
CA PRO A 374 -10.08 1.78 -25.51
C PRO A 374 -11.08 0.78 -24.95
N GLU A 375 -10.86 0.28 -23.73
CA GLU A 375 -11.84 -0.59 -23.10
C GLU A 375 -13.13 0.17 -22.77
N MET A 376 -13.00 1.42 -22.32
CA MET A 376 -14.18 2.21 -22.01
C MET A 376 -14.97 2.57 -23.26
N GLN A 377 -14.27 2.97 -24.32
CA GLN A 377 -14.94 3.40 -25.53
C GLN A 377 -15.70 2.26 -26.20
N SER A 378 -15.14 1.05 -26.17
CA SER A 378 -15.83 -0.09 -26.78
C SER A 378 -17.11 -0.42 -26.02
N SER A 379 -17.10 -0.29 -24.70
CA SER A 379 -18.30 -0.55 -23.91
C SER A 379 -19.39 0.49 -24.17
N LEU A 380 -19.00 1.71 -24.52
CA LEU A 380 -19.93 2.77 -24.84
C LEU A 380 -20.30 2.80 -26.31
N LEU A 381 -19.80 1.83 -27.10
CA LEU A 381 -20.05 1.75 -28.53
C LEU A 381 -19.65 3.04 -29.25
N GLN A 382 -18.51 3.60 -28.86
CA GLN A 382 -17.95 4.79 -29.47
C GLN A 382 -16.67 4.43 -30.20
N GLN A 383 -16.47 5.02 -31.37
CA GLN A 383 -15.33 4.71 -32.21
C GLN A 383 -14.53 5.97 -32.49
N HIS A 384 -13.22 5.88 -32.35
CA HIS A 384 -12.31 6.98 -32.60
C HIS A 384 -11.19 6.50 -33.51
N MET A 385 -10.95 7.24 -34.59
CA MET A 385 -9.84 6.91 -35.49
C MET A 385 -8.50 7.12 -34.80
N GLU A 386 -8.46 7.91 -33.73
CA GLU A 386 -7.22 8.12 -32.99
C GLU A 386 -6.74 6.84 -32.32
N LEU A 387 -7.66 6.00 -31.88
CA LEU A 387 -7.31 4.73 -31.25
C LEU A 387 -6.97 3.64 -32.27
N LEU A 388 -7.22 3.87 -33.55
CA LEU A 388 -6.90 2.90 -34.59
C LEU A 388 -5.71 3.30 -35.44
N VAL A 389 -5.14 4.49 -35.22
CA VAL A 389 -4.00 4.93 -36.02
C VAL A 389 -2.78 4.12 -35.62
N SER A 390 -2.19 3.43 -36.61
CA SER A 390 -1.01 2.61 -36.36
C SER A 390 0.23 3.44 -36.66
N SER A 391 1.13 3.53 -35.68
CA SER A 391 2.40 4.20 -35.83
C SER A 391 3.51 3.17 -35.96
N VAL A 392 4.36 3.33 -36.96
CA VAL A 392 5.46 2.40 -37.18
C VAL A 392 6.54 2.65 -36.14
N ILE A 393 6.97 1.59 -35.46
CA ILE A 393 7.99 1.68 -34.41
C ILE A 393 9.35 1.46 -35.07
N PRO A 394 10.23 2.46 -35.10
CA PRO A 394 11.58 2.22 -35.63
C PRO A 394 12.32 1.20 -34.79
N LEU A 395 13.17 0.43 -35.45
CA LEU A 395 13.94 -0.59 -34.75
C LEU A 395 14.83 0.05 -33.70
N MET A 396 14.79 -0.50 -32.48
CA MET A 396 15.43 0.17 -31.35
C MET A 396 16.94 0.02 -31.39
N HIS A 397 17.43 -1.14 -31.83
CA HIS A 397 18.87 -1.42 -31.90
C HIS A 397 19.24 -1.86 -33.30
N PRO A 398 19.47 -0.92 -34.22
CA PRO A 398 19.93 -1.31 -35.56
C PRO A 398 21.24 -2.07 -35.57
N LEU A 399 22.14 -1.77 -34.65
CA LEU A 399 23.45 -2.41 -34.62
C LEU A 399 23.54 -3.42 -33.47
N GLU B 1 -17.33 32.00 -5.84
CA GLU B 1 -17.52 30.90 -4.90
C GLU B 1 -18.43 29.83 -5.49
N VAL B 2 -18.11 28.57 -5.21
CA VAL B 2 -18.89 27.45 -5.71
C VAL B 2 -20.17 27.33 -4.88
N GLN B 3 -21.31 27.31 -5.56
CA GLN B 3 -22.60 27.24 -4.90
C GLN B 3 -23.38 26.06 -5.44
N LEU B 4 -23.90 25.23 -4.54
CA LEU B 4 -24.76 24.11 -4.90
C LEU B 4 -26.03 24.20 -4.07
N VAL B 5 -27.17 24.29 -4.75
CA VAL B 5 -28.47 24.42 -4.09
C VAL B 5 -29.35 23.28 -4.57
N GLU B 6 -29.75 22.42 -3.64
CA GLU B 6 -30.60 21.27 -3.94
C GLU B 6 -32.00 21.48 -3.41
N SER B 7 -32.99 21.16 -4.24
CA SER B 7 -34.39 21.33 -3.88
C SER B 7 -35.16 20.10 -4.33
N GLY B 8 -36.45 20.06 -3.98
CA GLY B 8 -37.32 18.98 -4.36
C GLY B 8 -37.58 17.95 -3.29
N GLY B 9 -37.09 18.16 -2.08
CA GLY B 9 -37.29 17.20 -1.00
C GLY B 9 -38.53 17.53 -0.18
N GLY B 10 -39.32 16.50 0.10
CA GLY B 10 -40.53 16.69 0.87
C GLY B 10 -41.07 15.36 1.34
N VAL B 11 -42.20 15.42 2.04
CA VAL B 11 -42.83 14.22 2.57
C VAL B 11 -43.42 13.41 1.43
N VAL B 12 -43.10 12.12 1.38
CA VAL B 12 -43.55 11.23 0.33
C VAL B 12 -44.02 9.93 0.96
N GLN B 13 -45.12 9.38 0.44
CA GLN B 13 -45.59 8.09 0.91
C GLN B 13 -44.65 6.98 0.44
N PRO B 14 -44.51 5.91 1.22
CA PRO B 14 -43.65 4.80 0.81
C PRO B 14 -44.12 4.18 -0.50
N GLY B 15 -43.15 3.81 -1.34
CA GLY B 15 -43.43 3.23 -2.63
C GLY B 15 -43.67 4.22 -3.74
N ARG B 16 -43.73 5.51 -3.44
CA ARG B 16 -43.97 6.53 -4.44
C ARG B 16 -42.65 7.00 -5.05
N SER B 17 -42.69 8.09 -5.80
CA SER B 17 -41.52 8.59 -6.50
C SER B 17 -41.31 10.07 -6.19
N LEU B 18 -40.05 10.44 -5.98
CA LEU B 18 -39.64 11.83 -5.79
C LEU B 18 -38.43 12.10 -6.67
N ARG B 19 -38.31 13.35 -7.12
CA ARG B 19 -37.18 13.77 -7.95
C ARG B 19 -36.52 14.98 -7.30
N LEU B 20 -35.23 14.86 -7.04
CA LEU B 20 -34.44 15.93 -6.46
C LEU B 20 -33.68 16.66 -7.55
N SER B 21 -33.50 17.97 -7.36
CA SER B 21 -32.80 18.82 -8.31
C SER B 21 -31.77 19.66 -7.58
N CYS B 22 -30.55 19.67 -8.08
CA CYS B 22 -29.47 20.47 -7.52
C CYS B 22 -28.96 21.44 -8.57
N ALA B 23 -28.92 22.72 -8.24
CA ALA B 23 -28.45 23.76 -9.14
C ALA B 23 -27.02 24.14 -8.78
N ALA B 24 -26.16 24.17 -9.78
CA ALA B 24 -24.74 24.43 -9.59
C ALA B 24 -24.35 25.76 -10.20
N SER B 25 -23.45 26.48 -9.52
CA SER B 25 -22.94 27.74 -10.03
C SER B 25 -21.55 27.96 -9.47
N GLY B 26 -20.79 28.81 -10.14
CA GLY B 26 -19.44 29.14 -9.73
C GLY B 26 -18.37 28.22 -10.26
N PHE B 27 -18.71 27.21 -11.06
CA PHE B 27 -17.74 26.30 -11.63
C PHE B 27 -18.29 25.70 -12.90
N THR B 28 -17.40 25.11 -13.69
CA THR B 28 -17.78 24.45 -14.94
C THR B 28 -18.47 23.13 -14.60
N PHE B 29 -19.80 23.15 -14.56
CA PHE B 29 -20.56 21.97 -14.16
C PHE B 29 -20.34 20.80 -15.11
N SER B 30 -19.98 21.07 -16.36
CA SER B 30 -19.86 20.02 -17.36
C SER B 30 -18.54 19.26 -17.30
N THR B 31 -17.59 19.67 -16.45
CA THR B 31 -16.30 19.03 -16.37
C THR B 31 -16.06 18.35 -15.02
N TYR B 32 -17.11 18.15 -14.24
CA TYR B 32 -16.98 17.57 -12.91
C TYR B 32 -17.98 16.44 -12.73
N ALA B 33 -17.59 15.43 -11.96
CA ALA B 33 -18.48 14.34 -11.60
C ALA B 33 -19.21 14.72 -10.31
N MET B 34 -20.53 14.71 -10.36
CA MET B 34 -21.36 15.14 -9.24
C MET B 34 -22.00 13.94 -8.59
N HIS B 35 -21.93 13.90 -7.26
CA HIS B 35 -22.46 12.81 -6.47
C HIS B 35 -23.70 13.26 -5.69
N TRP B 36 -24.48 12.28 -5.27
CA TRP B 36 -25.53 12.49 -4.29
C TRP B 36 -25.15 11.71 -3.03
N VAL B 37 -25.16 12.40 -1.89
CA VAL B 37 -24.81 11.80 -0.62
C VAL B 37 -25.92 12.13 0.37
N ARG B 38 -26.42 11.10 1.06
CA ARG B 38 -27.52 11.26 1.99
C ARG B 38 -27.05 10.94 3.41
N GLN B 39 -27.65 11.63 4.37
CA GLN B 39 -27.36 11.42 5.79
C GLN B 39 -28.68 11.14 6.50
N ALA B 40 -28.91 9.88 6.84
CA ALA B 40 -30.10 9.52 7.59
C ALA B 40 -30.04 10.15 8.98
N PRO B 41 -31.20 10.47 9.57
CA PRO B 41 -31.21 11.12 10.89
C PRO B 41 -30.50 10.27 11.94
N GLY B 42 -29.60 10.91 12.68
CA GLY B 42 -28.82 10.21 13.68
C GLY B 42 -27.89 9.16 13.12
N LYS B 43 -27.38 9.36 11.90
CA LYS B 43 -26.50 8.40 11.26
C LYS B 43 -25.46 9.15 10.43
N GLY B 44 -24.42 8.43 10.03
CA GLY B 44 -23.36 9.03 9.26
C GLY B 44 -23.71 9.22 7.80
N LEU B 45 -22.82 9.93 7.10
CA LEU B 45 -23.01 10.17 5.69
C LEU B 45 -22.94 8.86 4.90
N GLU B 46 -23.68 8.81 3.79
CA GLU B 46 -23.74 7.62 2.96
C GLU B 46 -23.81 8.04 1.51
N TRP B 47 -22.83 7.61 0.72
CA TRP B 47 -22.81 7.92 -0.70
C TRP B 47 -23.95 7.18 -1.40
N VAL B 48 -24.62 7.87 -2.33
CA VAL B 48 -25.81 7.36 -2.99
C VAL B 48 -25.53 7.05 -4.46
N ALA B 49 -25.15 8.06 -5.24
CA ALA B 49 -25.01 7.87 -6.68
C ALA B 49 -23.99 8.87 -7.23
N VAL B 50 -23.42 8.52 -8.37
CA VAL B 50 -22.47 9.37 -9.09
C VAL B 50 -22.86 9.40 -10.56
N VAL B 51 -22.71 10.56 -11.18
CA VAL B 51 -22.83 10.71 -12.63
C VAL B 51 -21.53 11.32 -13.14
N SER B 52 -21.06 10.82 -14.27
CA SER B 52 -19.81 11.32 -14.83
C SER B 52 -20.00 12.72 -15.40
N TYR B 53 -18.88 13.37 -15.73
CA TYR B 53 -18.93 14.74 -16.22
C TYR B 53 -19.72 14.87 -17.52
N ASP B 54 -19.89 13.78 -18.27
CA ASP B 54 -20.71 13.78 -19.47
C ASP B 54 -22.02 13.06 -19.30
N GLY B 55 -22.24 12.41 -18.16
CA GLY B 55 -23.47 11.69 -17.91
C GLY B 55 -23.55 10.29 -18.48
N ARG B 56 -22.50 9.82 -19.15
CA ARG B 56 -22.56 8.50 -19.76
C ARG B 56 -22.39 7.39 -18.73
N THR B 57 -21.61 7.61 -17.68
CA THR B 57 -21.33 6.61 -16.66
C THR B 57 -22.02 6.99 -15.36
N LYS B 58 -22.82 6.08 -14.82
CA LYS B 58 -23.55 6.31 -13.58
C LYS B 58 -23.41 5.09 -12.69
N ASP B 59 -23.27 5.32 -11.39
CA ASP B 59 -23.17 4.25 -10.42
C ASP B 59 -24.01 4.60 -9.19
N TYR B 60 -24.47 3.55 -8.50
CA TYR B 60 -25.38 3.73 -7.38
C TYR B 60 -24.96 2.83 -6.23
N ALA B 61 -25.39 3.21 -5.03
CA ALA B 61 -25.16 2.37 -3.86
C ALA B 61 -25.98 1.09 -3.97
N ASP B 62 -25.53 0.06 -3.25
CA ASP B 62 -26.21 -1.22 -3.31
C ASP B 62 -27.64 -1.11 -2.77
N SER B 63 -27.83 -0.35 -1.70
CA SER B 63 -29.17 -0.13 -1.16
C SER B 63 -29.99 0.80 -2.03
N VAL B 64 -29.38 1.43 -3.02
CA VAL B 64 -30.03 2.43 -3.87
C VAL B 64 -30.19 1.89 -5.29
N LYS B 65 -29.29 1.01 -5.69
CA LYS B 65 -29.27 0.53 -7.07
C LYS B 65 -30.59 -0.14 -7.44
N GLY B 66 -31.07 0.15 -8.65
CA GLY B 66 -32.32 -0.39 -9.14
C GLY B 66 -33.53 0.44 -8.83
N ARG B 67 -33.42 1.42 -7.92
CA ARG B 67 -34.54 2.27 -7.54
C ARG B 67 -34.33 3.72 -7.91
N PHE B 68 -33.17 4.30 -7.59
CA PHE B 68 -32.89 5.68 -7.93
C PHE B 68 -32.25 5.74 -9.31
N THR B 69 -32.25 6.95 -9.88
CA THR B 69 -31.64 7.18 -11.19
C THR B 69 -31.07 8.59 -11.20
N ILE B 70 -29.75 8.70 -11.17
CA ILE B 70 -29.09 9.99 -11.23
C ILE B 70 -28.98 10.43 -12.68
N SER B 71 -29.11 11.73 -12.91
CA SER B 71 -28.94 12.31 -14.23
C SER B 71 -28.49 13.74 -14.06
N ARG B 72 -28.02 14.34 -15.15
CA ARG B 72 -27.54 15.71 -15.13
C ARG B 72 -27.88 16.38 -16.45
N ASP B 73 -27.91 17.72 -16.41
CA ASP B 73 -28.15 18.55 -17.58
C ASP B 73 -27.06 19.62 -17.60
N ASN B 74 -26.03 19.40 -18.42
CA ASN B 74 -24.92 20.33 -18.47
C ASN B 74 -25.36 21.70 -18.98
N SER B 75 -26.33 21.74 -19.89
CA SER B 75 -26.86 23.02 -20.36
C SER B 75 -27.55 23.77 -19.24
N LYS B 76 -28.36 23.08 -18.44
CA LYS B 76 -29.06 23.70 -17.32
C LYS B 76 -28.18 23.86 -16.09
N ASN B 77 -26.98 23.27 -16.09
CA ASN B 77 -26.10 23.27 -14.91
C ASN B 77 -26.81 22.69 -13.69
N THR B 78 -27.63 21.67 -13.93
CA THR B 78 -28.50 21.12 -12.90
C THR B 78 -28.30 19.62 -12.80
N LEU B 79 -28.31 19.11 -11.57
CA LEU B 79 -28.13 17.70 -11.29
C LEU B 79 -29.42 17.12 -10.73
N TYR B 80 -29.84 15.97 -11.26
CA TYR B 80 -31.11 15.36 -10.92
C TYR B 80 -30.91 14.01 -10.25
N LEU B 81 -31.71 13.74 -9.22
CA LEU B 81 -31.84 12.42 -8.63
C LEU B 81 -33.30 12.02 -8.67
N GLN B 82 -33.60 10.93 -9.36
CA GLN B 82 -34.98 10.45 -9.52
C GLN B 82 -35.16 9.25 -8.60
N MET B 83 -35.79 9.48 -7.46
CA MET B 83 -36.03 8.43 -6.48
C MET B 83 -37.34 7.71 -6.82
N ASN B 84 -37.27 6.39 -6.91
CA ASN B 84 -38.44 5.56 -7.20
C ASN B 84 -38.51 4.43 -6.20
N SER B 85 -39.73 3.92 -6.00
CA SER B 85 -39.98 2.85 -5.04
C SER B 85 -39.45 3.21 -3.66
N LEU B 86 -39.70 4.46 -3.25
CA LEU B 86 -39.18 4.96 -1.99
C LEU B 86 -39.66 4.12 -0.83
N ARG B 87 -38.74 3.75 0.06
CA ARG B 87 -39.03 2.94 1.23
C ARG B 87 -38.76 3.75 2.49
N THR B 88 -39.09 3.14 3.63
CA THR B 88 -39.10 3.86 4.90
C THR B 88 -37.72 4.41 5.26
N GLU B 89 -36.68 3.60 5.06
CA GLU B 89 -35.32 3.98 5.41
C GLU B 89 -34.63 4.80 4.33
N ASP B 90 -35.35 5.21 3.28
CA ASP B 90 -34.80 6.11 2.29
C ASP B 90 -34.84 7.57 2.71
N THR B 91 -35.46 7.87 3.86
CA THR B 91 -35.52 9.24 4.34
C THR B 91 -34.16 9.69 4.86
N ALA B 92 -33.73 10.88 4.46
CA ALA B 92 -32.43 11.43 4.81
C ALA B 92 -32.34 12.84 4.27
N VAL B 93 -31.26 13.53 4.64
CA VAL B 93 -30.92 14.81 4.05
C VAL B 93 -29.96 14.53 2.90
N TYR B 94 -30.40 14.81 1.68
CA TYR B 94 -29.64 14.47 0.49
C TYR B 94 -28.80 15.66 0.06
N PHE B 95 -27.49 15.46 0.00
CA PHE B 95 -26.56 16.48 -0.46
C PHE B 95 -26.14 16.18 -1.89
N CYS B 96 -25.98 17.23 -2.69
CA CYS B 96 -25.34 17.12 -4.00
C CYS B 96 -23.91 17.61 -3.83
N ALA B 97 -22.96 16.70 -4.00
CA ALA B 97 -21.56 16.98 -3.76
C ALA B 97 -20.79 17.01 -5.07
N ARG B 98 -19.79 17.87 -5.14
CA ARG B 98 -18.90 17.93 -6.28
C ARG B 98 -17.61 17.20 -5.98
N GLU B 99 -17.19 16.32 -6.88
CA GLU B 99 -15.94 15.61 -6.71
C GLU B 99 -14.77 16.50 -7.14
N ARG B 100 -13.61 16.26 -6.53
CA ARG B 100 -12.41 16.97 -6.91
C ARG B 100 -12.05 16.65 -8.35
N PHE B 101 -11.35 17.60 -9.01
CA PHE B 101 -10.98 17.40 -10.41
C PHE B 101 -10.11 16.16 -10.56
N SER B 102 -9.24 15.89 -9.58
CA SER B 102 -8.42 14.70 -9.58
C SER B 102 -8.78 13.72 -8.48
N GLY B 103 -9.34 14.21 -7.39
CA GLY B 103 -9.44 13.41 -6.18
C GLY B 103 -10.66 12.52 -6.14
N ALA B 104 -10.72 11.76 -5.06
CA ALA B 104 -11.83 10.90 -4.72
C ALA B 104 -12.77 11.54 -3.72
N TYR B 105 -12.58 12.82 -3.43
CA TYR B 105 -13.22 13.50 -2.31
C TYR B 105 -14.22 14.52 -2.82
N PHE B 106 -15.10 14.94 -1.92
CA PHE B 106 -16.17 15.88 -2.25
C PHE B 106 -15.77 17.25 -1.70
N ASP B 107 -15.14 18.06 -2.55
CA ASP B 107 -14.60 19.33 -2.07
C ASP B 107 -15.69 20.34 -1.78
N TYR B 108 -16.80 20.31 -2.50
CA TYR B 108 -17.90 21.22 -2.28
C TYR B 108 -19.21 20.43 -2.20
N TRP B 109 -20.00 20.71 -1.16
CA TRP B 109 -21.30 20.08 -0.96
C TRP B 109 -22.38 21.14 -1.07
N GLY B 110 -23.63 20.68 -1.03
CA GLY B 110 -24.77 21.55 -0.94
C GLY B 110 -25.31 21.61 0.48
N GLN B 111 -26.28 22.51 0.68
CA GLN B 111 -26.90 22.64 1.99
C GLN B 111 -27.61 21.36 2.40
N GLY B 112 -28.26 20.70 1.45
CA GLY B 112 -28.93 19.44 1.73
C GLY B 112 -30.42 19.57 1.89
N THR B 113 -31.18 18.86 1.07
CA THR B 113 -32.64 18.89 1.14
C THR B 113 -33.14 17.63 1.84
N LEU B 114 -34.03 17.82 2.81
CA LEU B 114 -34.52 16.71 3.61
C LEU B 114 -35.66 16.02 2.89
N VAL B 115 -35.55 14.70 2.76
CA VAL B 115 -36.60 13.87 2.16
C VAL B 115 -37.17 13.00 3.26
N THR B 116 -38.49 13.06 3.44
CA THR B 116 -39.19 12.27 4.44
C THR B 116 -40.08 11.27 3.71
N VAL B 117 -39.92 9.99 4.01
CA VAL B 117 -40.68 8.92 3.37
C VAL B 117 -41.52 8.27 4.45
N SER B 118 -42.75 8.73 4.61
CA SER B 118 -43.69 8.16 5.56
C SER B 118 -45.10 8.54 5.14
N SER B 119 -46.04 7.61 5.32
CA SER B 119 -47.43 7.84 4.96
C SER B 119 -48.10 8.80 5.92
N GLU C 1 -17.31 -2.28 -0.65
CA GLU C 1 -17.62 -1.41 0.48
C GLU C 1 -16.86 -1.85 1.72
N ILE C 2 -16.00 -0.96 2.23
CA ILE C 2 -15.21 -1.24 3.41
C ILE C 2 -15.57 -0.22 4.50
N VAL C 3 -15.53 -0.69 5.74
CA VAL C 3 -16.10 0.03 6.87
C VAL C 3 -15.03 0.92 7.50
N LEU C 4 -15.30 2.22 7.56
CA LEU C 4 -14.44 3.16 8.28
C LEU C 4 -14.98 3.31 9.69
N THR C 5 -14.21 2.85 10.67
CA THR C 5 -14.60 2.91 12.07
C THR C 5 -14.01 4.17 12.70
N GLN C 6 -14.85 4.97 13.33
CA GLN C 6 -14.46 6.25 13.92
C GLN C 6 -14.71 6.19 15.42
N SER C 7 -13.64 6.27 16.20
CA SER C 7 -13.74 6.23 17.64
C SER C 7 -12.90 7.34 18.25
N PRO C 8 -13.36 7.96 19.35
CA PRO C 8 -14.66 7.70 19.97
C PRO C 8 -15.80 8.41 19.24
N ALA C 9 -17.02 7.89 19.39
CA ALA C 9 -18.17 8.53 18.76
C ALA C 9 -18.40 9.93 19.31
N THR C 10 -18.25 10.11 20.62
CA THR C 10 -18.42 11.40 21.27
C THR C 10 -17.10 11.82 21.88
N LEU C 11 -16.71 13.07 21.66
CA LEU C 11 -15.43 13.59 22.12
C LEU C 11 -15.67 14.98 22.71
N SER C 12 -15.76 15.05 24.04
CA SER C 12 -16.05 16.29 24.74
C SER C 12 -14.76 16.90 25.28
N LEU C 13 -14.53 18.16 24.95
CA LEU C 13 -13.32 18.87 25.36
C LEU C 13 -13.69 20.32 25.65
N SER C 14 -12.66 21.16 25.76
CA SER C 14 -12.83 22.57 26.09
C SER C 14 -12.07 23.41 25.08
N PRO C 15 -12.52 24.64 24.83
CA PRO C 15 -11.83 25.50 23.87
C PRO C 15 -10.38 25.74 24.28
N GLY C 16 -9.50 25.79 23.27
CA GLY C 16 -8.08 25.94 23.53
C GLY C 16 -7.37 24.65 23.84
N GLU C 17 -7.96 23.50 23.53
CA GLU C 17 -7.38 22.20 23.82
C GLU C 17 -7.27 21.40 22.54
N ARG C 18 -6.25 20.54 22.47
CA ARG C 18 -6.08 19.67 21.31
C ARG C 18 -7.15 18.59 21.28
N ALA C 19 -7.72 18.37 20.10
CA ALA C 19 -8.68 17.31 19.87
C ALA C 19 -8.08 16.27 18.94
N THR C 20 -8.13 15.00 19.35
CA THR C 20 -7.56 13.91 18.58
C THR C 20 -8.69 12.98 18.14
N LEU C 21 -8.96 12.94 16.85
CA LEU C 21 -9.99 12.10 16.26
C LEU C 21 -9.32 11.02 15.43
N SER C 22 -9.76 9.78 15.61
CA SER C 22 -9.14 8.63 14.98
C SER C 22 -10.14 7.93 14.07
N CYS C 23 -9.70 7.61 12.85
CA CYS C 23 -10.47 6.82 11.91
C CYS C 23 -9.70 5.53 11.63
N ARG C 24 -10.40 4.40 11.72
CA ARG C 24 -9.82 3.09 11.49
C ARG C 24 -10.58 2.40 10.36
N ALA C 25 -9.86 1.89 9.38
CA ALA C 25 -10.44 1.26 8.21
C ALA C 25 -10.45 -0.25 8.36
N SER C 26 -11.45 -0.90 7.76
CA SER C 26 -11.53 -2.35 7.80
C SER C 26 -10.34 -2.97 7.09
N GLN C 27 -9.96 -2.43 5.94
CA GLN C 27 -8.73 -2.81 5.26
C GLN C 27 -8.01 -1.54 4.83
N SER C 28 -6.73 -1.71 4.47
CA SER C 28 -5.87 -0.56 4.20
C SER C 28 -6.42 0.28 3.05
N VAL C 29 -6.49 1.58 3.26
CA VAL C 29 -6.98 2.53 2.26
C VAL C 29 -5.85 3.40 1.73
N SER C 30 -4.60 2.99 1.95
CA SER C 30 -3.41 3.72 1.49
C SER C 30 -3.49 5.12 2.10
N SER C 31 -3.24 6.18 1.34
CA SER C 31 -3.30 7.54 1.85
C SER C 31 -4.57 8.26 1.42
N TYR C 32 -5.55 7.54 0.89
CA TYR C 32 -6.75 8.17 0.33
C TYR C 32 -7.85 8.20 1.40
N LEU C 33 -7.72 9.17 2.30
CA LEU C 33 -8.73 9.46 3.31
C LEU C 33 -9.03 10.94 3.29
N ALA C 34 -10.28 11.29 3.59
CA ALA C 34 -10.68 12.69 3.67
C ALA C 34 -11.44 12.93 4.97
N TRP C 35 -11.33 14.16 5.47
CA TRP C 35 -12.02 14.58 6.68
C TRP C 35 -13.00 15.70 6.34
N TYR C 36 -14.24 15.54 6.76
CA TYR C 36 -15.29 16.53 6.51
C TYR C 36 -15.83 17.05 7.84
N GLN C 37 -15.96 18.36 7.94
CA GLN C 37 -16.57 19.01 9.10
C GLN C 37 -17.96 19.48 8.71
N GLN C 38 -18.97 19.05 9.46
CA GLN C 38 -20.35 19.44 9.21
C GLN C 38 -20.98 19.94 10.50
N LYS C 39 -21.58 21.12 10.44
CA LYS C 39 -22.33 21.80 11.47
C LYS C 39 -23.82 21.68 11.21
N PRO C 40 -24.65 21.73 12.25
CA PRO C 40 -26.10 21.54 12.04
C PRO C 40 -26.67 22.58 11.09
N GLY C 41 -27.42 22.09 10.10
CA GLY C 41 -28.03 22.97 9.12
C GLY C 41 -27.03 23.73 8.27
N GLN C 42 -25.96 23.06 7.84
CA GLN C 42 -24.95 23.71 7.02
C GLN C 42 -24.24 22.65 6.20
N ALA C 43 -23.72 23.06 5.05
CA ALA C 43 -23.09 22.12 4.13
C ALA C 43 -21.82 21.54 4.73
N PRO C 44 -21.58 20.24 4.56
CA PRO C 44 -20.30 19.66 5.02
C PRO C 44 -19.13 20.31 4.31
N ARG C 45 -18.02 20.42 5.03
CA ARG C 45 -16.84 21.14 4.58
C ARG C 45 -15.65 20.19 4.55
N LEU C 46 -14.98 20.11 3.42
CA LEU C 46 -13.79 19.26 3.31
C LEU C 46 -12.63 19.93 4.02
N LEU C 47 -12.10 19.27 5.06
CA LEU C 47 -10.96 19.79 5.80
C LEU C 47 -9.64 19.22 5.29
N ILE C 48 -9.48 17.91 5.38
CA ILE C 48 -8.24 17.22 5.06
C ILE C 48 -8.53 16.19 3.98
N TYR C 49 -7.71 16.17 2.93
CA TYR C 49 -7.77 15.13 1.91
C TYR C 49 -6.38 14.56 1.72
N ASP C 50 -6.34 13.32 1.22
CA ASP C 50 -5.11 12.53 1.13
C ASP C 50 -4.47 12.30 2.48
N ALA C 51 -5.25 12.48 3.55
CA ALA C 51 -4.90 12.19 4.93
C ALA C 51 -3.88 13.18 5.49
N SER C 52 -3.31 14.02 4.64
CA SER C 52 -2.38 15.03 5.13
C SER C 52 -2.68 16.43 4.58
N ASN C 53 -3.10 16.54 3.33
CA ASN C 53 -3.27 17.84 2.71
C ASN C 53 -4.44 18.60 3.31
N ARG C 54 -4.30 19.91 3.40
CA ARG C 54 -5.33 20.79 3.92
C ARG C 54 -6.04 21.48 2.77
N ALA C 55 -7.37 21.46 2.80
CA ALA C 55 -8.15 22.08 1.74
C ALA C 55 -7.97 23.60 1.76
N THR C 56 -8.39 24.23 0.67
CA THR C 56 -8.23 25.67 0.54
C THR C 56 -9.10 26.40 1.56
N GLY C 57 -8.52 27.43 2.19
CA GLY C 57 -9.24 28.21 3.16
C GLY C 57 -9.50 27.52 4.48
N ILE C 58 -8.72 26.51 4.81
CA ILE C 58 -8.88 25.76 6.06
C ILE C 58 -7.87 26.30 7.07
N PRO C 59 -8.27 26.58 8.31
CA PRO C 59 -7.30 27.04 9.31
C PRO C 59 -6.22 26.00 9.57
N ALA C 60 -5.02 26.49 9.91
CA ALA C 60 -3.86 25.63 10.07
C ALA C 60 -3.95 24.73 11.29
N ARG C 61 -4.92 24.93 12.17
CA ARG C 61 -5.03 24.08 13.36
C ARG C 61 -5.49 22.66 13.02
N PHE C 62 -6.14 22.47 11.88
CA PHE C 62 -6.54 21.14 11.45
C PHE C 62 -5.38 20.45 10.76
N SER C 63 -5.04 19.26 11.23
CA SER C 63 -3.96 18.48 10.65
C SER C 63 -4.40 17.02 10.54
N GLY C 64 -3.88 16.34 9.51
CA GLY C 64 -4.17 14.94 9.30
C GLY C 64 -2.92 14.10 9.42
N SER C 65 -3.12 12.84 9.83
CA SER C 65 -2.00 11.93 10.03
C SER C 65 -2.48 10.51 9.78
N GLY C 66 -1.52 9.63 9.54
CA GLY C 66 -1.79 8.21 9.38
C GLY C 66 -1.76 7.77 7.93
N SER C 67 -1.75 6.45 7.76
CA SER C 67 -1.84 5.81 6.47
C SER C 67 -2.25 4.38 6.67
N GLY C 68 -2.73 3.75 5.60
CA GLY C 68 -3.15 2.37 5.68
C GLY C 68 -4.48 2.20 6.38
N THR C 69 -4.45 1.68 7.60
CA THR C 69 -5.66 1.40 8.35
C THR C 69 -6.01 2.46 9.39
N ASP C 70 -5.02 2.97 10.12
CA ASP C 70 -5.27 3.92 11.20
C ASP C 70 -4.92 5.34 10.75
N PHE C 71 -5.85 6.27 11.00
CA PHE C 71 -5.68 7.67 10.66
C PHE C 71 -6.02 8.53 11.86
N THR C 72 -5.69 9.82 11.77
CA THR C 72 -5.88 10.72 12.89
C THR C 72 -6.09 12.14 12.40
N LEU C 73 -7.11 12.81 12.93
CA LEU C 73 -7.33 14.23 12.72
C LEU C 73 -7.08 14.96 14.04
N THR C 74 -6.28 16.03 13.99
CA THR C 74 -5.92 16.78 15.18
C THR C 74 -6.24 18.25 14.98
N ILE C 75 -6.92 18.85 15.94
CA ILE C 75 -7.11 20.30 16.00
C ILE C 75 -6.15 20.84 17.05
N SER C 76 -5.24 21.72 16.61
CA SER C 76 -4.20 22.21 17.52
C SER C 76 -4.80 23.00 18.68
N SER C 77 -5.79 23.83 18.41
CA SER C 77 -6.44 24.61 19.46
C SER C 77 -7.92 24.73 19.10
N LEU C 78 -8.78 24.06 19.87
CA LEU C 78 -10.20 24.06 19.58
C LEU C 78 -10.80 25.45 19.72
N GLU C 79 -11.11 26.09 18.60
CA GLU C 79 -11.82 27.35 18.64
C GLU C 79 -13.31 27.11 18.79
N PRO C 80 -14.09 28.12 19.21
CA PRO C 80 -15.52 27.90 19.43
C PRO C 80 -16.27 27.46 18.19
N GLU C 81 -15.73 27.68 17.01
CA GLU C 81 -16.36 27.26 15.76
C GLU C 81 -15.94 25.85 15.32
N ASP C 82 -15.12 25.17 16.11
CA ASP C 82 -14.62 23.84 15.76
C ASP C 82 -15.39 22.72 16.45
N PHE C 83 -16.51 23.02 17.09
CA PHE C 83 -17.27 22.02 17.83
C PHE C 83 -18.42 21.51 16.95
N ALA C 84 -18.03 20.69 15.97
CA ALA C 84 -18.99 20.14 15.01
C ALA C 84 -18.82 18.63 14.90
N VAL C 85 -19.52 18.01 13.95
CA VAL C 85 -19.40 16.59 13.69
C VAL C 85 -18.38 16.38 12.59
N TYR C 86 -17.37 15.55 12.86
CA TYR C 86 -16.25 15.35 11.96
C TYR C 86 -16.31 13.91 11.43
N SER C 87 -16.30 13.76 10.12
CA SER C 87 -16.49 12.47 9.49
C SER C 87 -15.33 12.18 8.53
N CYS C 88 -14.84 10.94 8.58
CA CYS C 88 -13.75 10.50 7.73
C CYS C 88 -14.30 9.73 6.54
N GLN C 89 -13.79 10.05 5.35
CA GLN C 89 -14.20 9.38 4.12
C GLN C 89 -12.97 8.88 3.39
N GLN C 90 -13.05 7.67 2.87
CA GLN C 90 -12.01 7.07 2.06
C GLN C 90 -12.55 6.74 0.68
N ARG C 91 -11.69 6.80 -0.32
CA ARG C 91 -11.91 6.02 -1.54
C ARG C 91 -10.57 5.47 -1.99
N ASN C 92 -10.23 4.29 -1.46
CA ASN C 92 -9.27 3.39 -2.07
C ASN C 92 -9.95 2.31 -2.87
N ASN C 93 -11.25 2.11 -2.65
CA ASN C 93 -12.05 1.14 -3.37
C ASN C 93 -13.42 1.76 -3.65
N TRP C 94 -14.10 1.21 -4.64
CA TRP C 94 -15.49 1.63 -4.82
C TRP C 94 -16.40 0.79 -3.92
N PRO C 95 -17.47 1.38 -3.35
CA PRO C 95 -17.90 2.77 -3.40
C PRO C 95 -17.22 3.64 -2.36
N PRO C 96 -17.31 4.97 -2.50
CA PRO C 96 -16.86 5.84 -1.42
C PRO C 96 -17.61 5.54 -0.13
N THR C 97 -16.88 5.50 0.98
CA THR C 97 -17.46 5.17 2.27
C THR C 97 -17.04 6.22 3.30
N PHE C 98 -17.96 6.50 4.22
CA PHE C 98 -17.75 7.46 5.27
C PHE C 98 -17.64 6.75 6.62
N GLY C 99 -17.09 7.46 7.59
CA GLY C 99 -17.13 7.00 8.96
C GLY C 99 -18.45 7.34 9.62
N GLY C 100 -18.63 6.82 10.83
CA GLY C 100 -19.85 7.10 11.56
C GLY C 100 -19.97 8.52 12.04
N GLY C 101 -18.88 9.27 12.04
CA GLY C 101 -18.88 10.65 12.51
C GLY C 101 -18.54 10.76 13.97
N THR C 102 -17.72 11.75 14.32
CA THR C 102 -17.37 12.02 15.71
C THR C 102 -17.78 13.44 16.04
N LYS C 103 -18.55 13.60 17.12
CA LYS C 103 -19.06 14.90 17.53
C LYS C 103 -18.15 15.49 18.59
N VAL C 104 -17.73 16.73 18.37
CA VAL C 104 -16.88 17.46 19.31
C VAL C 104 -17.76 18.43 20.07
N GLU C 105 -17.75 18.33 21.40
CA GLU C 105 -18.62 19.12 22.25
C GLU C 105 -17.80 19.83 23.32
N ILE C 106 -18.32 20.95 23.80
CA ILE C 106 -17.70 21.70 24.88
C ILE C 106 -18.03 21.02 26.20
N LYS C 107 -17.02 20.82 27.04
CA LYS C 107 -17.22 20.26 28.36
C LYS C 107 -17.39 21.38 29.38
N ARG C 108 -18.23 21.11 30.40
CA ARG C 108 -18.53 22.09 31.42
C ARG C 108 -18.53 21.41 32.78
N ALA C 109 -18.36 22.22 33.83
CA ALA C 109 -18.36 21.71 35.19
C ALA C 109 -19.74 21.23 35.60
N ASP D 1 -6.20 0.29 19.81
CA ASP D 1 -5.02 -0.25 19.15
C ASP D 1 -4.71 -1.65 19.65
N ILE D 2 -5.71 -2.52 19.63
CA ILE D 2 -5.60 -3.90 20.07
C ILE D 2 -5.01 -3.93 21.48
N VAL D 3 -5.80 -3.50 22.47
CA VAL D 3 -5.33 -3.46 23.84
C VAL D 3 -5.30 -4.87 24.42
N MET D 4 -4.17 -5.24 25.02
CA MET D 4 -3.99 -6.54 25.63
C MET D 4 -4.11 -6.38 27.15
N THR D 5 -4.93 -7.23 27.77
CA THR D 5 -5.23 -7.11 29.19
C THR D 5 -4.97 -8.44 29.90
N GLN D 6 -4.61 -8.35 31.18
CA GLN D 6 -4.27 -9.52 31.99
C GLN D 6 -4.64 -9.23 33.44
N SER D 7 -4.35 -10.20 34.31
CA SER D 7 -4.44 -10.04 35.75
C SER D 7 -3.03 -10.14 36.32
N HIS D 8 -2.56 -9.03 36.90
CA HIS D 8 -1.12 -8.84 37.14
C HIS D 8 -0.57 -9.73 38.26
N LYS D 9 -1.41 -10.44 39.00
CA LYS D 9 -0.93 -11.32 40.06
C LYS D 9 -1.49 -12.72 39.89
N PHE D 10 -0.63 -13.72 40.10
CA PHE D 10 -1.02 -15.12 40.11
C PHE D 10 -0.24 -15.85 41.19
N MET D 11 -0.94 -16.71 41.93
CA MET D 11 -0.31 -17.44 43.02
C MET D 11 0.66 -18.49 42.49
N SER D 12 1.79 -18.65 43.17
CA SER D 12 2.82 -19.59 42.76
C SER D 12 2.55 -20.95 43.38
N THR D 13 2.54 -21.99 42.53
CA THR D 13 2.33 -23.36 42.97
C THR D 13 3.65 -24.11 43.10
N SER D 14 4.77 -23.45 42.80
CA SER D 14 6.13 -24.03 42.86
C SER D 14 6.19 -25.15 41.82
N ILE D 15 6.64 -26.37 42.17
CA ILE D 15 6.89 -27.40 41.19
C ILE D 15 5.61 -27.84 40.47
N GLY D 16 4.45 -27.64 41.08
CA GLY D 16 3.20 -28.01 40.43
C GLY D 16 2.80 -27.00 39.36
N ASP D 17 3.63 -26.89 38.32
CA ASP D 17 3.46 -25.86 37.30
C ASP D 17 2.31 -26.24 36.38
N ARG D 18 1.09 -25.86 36.78
CA ARG D 18 -0.10 -26.04 35.95
C ARG D 18 -0.96 -24.78 36.05
N VAL D 19 -0.32 -23.61 35.93
CA VAL D 19 -1.01 -22.33 36.01
C VAL D 19 -1.20 -21.80 34.60
N SER D 20 -2.41 -21.31 34.32
CA SER D 20 -2.77 -20.79 33.01
C SER D 20 -2.84 -19.27 33.06
N ILE D 21 -2.25 -18.61 32.07
CA ILE D 21 -2.25 -17.16 31.95
C ILE D 21 -3.07 -16.78 30.72
N THR D 22 -3.99 -15.85 30.90
CA THR D 22 -4.91 -15.43 29.83
C THR D 22 -4.63 -13.98 29.46
N CYS D 23 -4.53 -13.72 28.16
CA CYS D 23 -4.38 -12.38 27.62
C CYS D 23 -5.56 -12.10 26.69
N LYS D 24 -6.28 -11.03 26.95
CA LYS D 24 -7.50 -10.71 26.21
C LYS D 24 -7.19 -9.75 25.07
N ALA D 25 -7.76 -10.04 23.90
CA ALA D 25 -7.59 -9.23 22.70
C ALA D 25 -8.88 -8.47 22.44
N SER D 26 -8.77 -7.13 22.41
CA SER D 26 -9.96 -6.31 22.16
C SER D 26 -10.52 -6.57 20.77
N GLN D 27 -9.64 -6.63 19.76
CA GLN D 27 -10.03 -6.86 18.38
C GLN D 27 -9.57 -8.25 17.95
N ASP D 28 -9.95 -8.63 16.73
CA ASP D 28 -9.54 -9.92 16.19
C ASP D 28 -8.05 -9.91 15.91
N VAL D 29 -7.35 -10.92 16.42
CA VAL D 29 -5.90 -11.02 16.30
C VAL D 29 -5.47 -12.34 15.64
N SER D 30 -6.43 -13.20 15.29
CA SER D 30 -6.15 -14.51 14.69
C SER D 30 -5.30 -15.29 15.70
N THR D 31 -4.11 -15.76 15.34
CA THR D 31 -3.22 -16.42 16.28
C THR D 31 -1.91 -15.67 16.46
N ALA D 32 -1.94 -14.34 16.37
CA ALA D 32 -0.71 -13.54 16.42
C ALA D 32 -0.53 -12.97 17.82
N VAL D 33 -0.12 -13.83 18.75
CA VAL D 33 0.21 -13.44 20.11
C VAL D 33 1.48 -14.15 20.53
N ALA D 34 2.42 -13.41 21.11
CA ALA D 34 3.68 -13.96 21.58
C ALA D 34 3.77 -13.84 23.09
N TRP D 35 4.43 -14.81 23.71
CA TRP D 35 4.55 -14.91 25.17
C TRP D 35 6.00 -14.78 25.57
N TYR D 36 6.28 -13.86 26.50
CA TYR D 36 7.63 -13.58 26.95
C TYR D 36 7.77 -13.85 28.44
N ARG D 37 8.97 -14.22 28.85
CA ARG D 37 9.30 -14.45 30.25
C ARG D 37 10.48 -13.55 30.61
N GLN D 38 10.24 -12.56 31.47
CA GLN D 38 11.28 -11.65 31.91
C GLN D 38 11.52 -11.83 33.40
N LYS D 39 12.68 -12.38 33.76
CA LYS D 39 13.10 -12.39 35.14
C LYS D 39 13.45 -10.96 35.56
N PRO D 40 13.38 -10.66 36.87
CA PRO D 40 13.68 -9.29 37.30
C PRO D 40 15.07 -8.81 36.91
N GLY D 41 16.05 -9.71 36.86
CA GLY D 41 17.39 -9.32 36.44
C GLY D 41 17.84 -9.98 35.16
N GLN D 42 16.94 -10.08 34.18
CA GLN D 42 17.24 -10.73 32.92
C GLN D 42 16.53 -10.02 31.78
N SER D 43 17.07 -10.19 30.58
CA SER D 43 16.41 -9.72 29.38
C SER D 43 15.24 -10.64 29.03
N PRO D 44 14.17 -10.10 28.44
CA PRO D 44 13.00 -10.93 28.12
C PRO D 44 13.35 -12.05 27.16
N LYS D 45 12.68 -13.19 27.35
CA LYS D 45 12.89 -14.38 26.53
C LYS D 45 11.60 -14.73 25.81
N LEU D 46 11.68 -14.86 24.49
CA LEU D 46 10.53 -15.29 23.70
C LEU D 46 10.26 -16.77 23.97
N LEU D 47 9.02 -17.09 24.30
CA LEU D 47 8.64 -18.46 24.64
C LEU D 47 7.74 -19.09 23.59
N ILE D 48 6.61 -18.46 23.27
CA ILE D 48 5.66 -19.00 22.30
C ILE D 48 5.39 -17.91 21.27
N TYR D 49 5.62 -18.24 20.00
CA TYR D 49 5.25 -17.36 18.89
C TYR D 49 4.10 -17.99 18.13
N SER D 50 3.27 -17.13 17.52
CA SER D 50 2.03 -17.52 16.87
C SER D 50 1.04 -18.16 17.84
N ALA D 51 1.24 -17.94 19.14
CA ALA D 51 0.35 -18.31 20.23
C ALA D 51 0.21 -19.81 20.43
N SER D 52 0.78 -20.64 19.56
CA SER D 52 0.65 -22.08 19.71
C SER D 52 1.93 -22.84 19.37
N TYR D 53 3.03 -22.16 19.07
CA TYR D 53 4.21 -22.82 18.53
C TYR D 53 5.44 -22.45 19.35
N ARG D 54 6.40 -23.38 19.36
CA ARG D 54 7.61 -23.25 20.16
C ARG D 54 8.73 -22.63 19.35
N SER D 55 9.41 -21.64 19.93
CA SER D 55 10.63 -21.11 19.35
C SER D 55 11.82 -21.95 19.81
N THR D 56 12.98 -21.67 19.22
CA THR D 56 14.18 -22.44 19.52
C THR D 56 14.62 -22.21 20.96
N GLY D 57 15.02 -23.30 21.63
CA GLY D 57 15.53 -23.23 22.99
C GLY D 57 14.48 -23.27 24.08
N VAL D 58 13.20 -23.31 23.72
CA VAL D 58 12.11 -23.33 24.70
C VAL D 58 12.03 -24.73 25.31
N PRO D 59 11.82 -24.85 26.62
CA PRO D 59 11.69 -26.18 27.23
C PRO D 59 10.51 -26.95 26.66
N ASP D 60 10.65 -28.28 26.63
CA ASP D 60 9.65 -29.13 25.99
C ASP D 60 8.30 -29.06 26.70
N ARG D 61 8.29 -28.87 28.02
CA ARG D 61 7.04 -28.83 28.75
C ARG D 61 6.23 -27.57 28.44
N PHE D 62 6.88 -26.50 27.99
CA PHE D 62 6.15 -25.29 27.65
C PHE D 62 5.25 -25.53 26.44
N THR D 63 4.04 -24.97 26.51
CA THR D 63 3.09 -25.12 25.42
C THR D 63 2.10 -23.97 25.48
N GLY D 64 1.42 -23.74 24.35
CA GLY D 64 0.44 -22.68 24.26
C GLY D 64 -0.60 -23.00 23.21
N SER D 65 -1.76 -22.38 23.36
CA SER D 65 -2.85 -22.56 22.40
C SER D 65 -3.79 -21.37 22.52
N GLY D 66 -4.60 -21.20 21.49
CA GLY D 66 -5.60 -20.15 21.46
C GLY D 66 -5.74 -19.54 20.08
N SER D 67 -6.92 -18.96 19.83
CA SER D 67 -7.19 -18.26 18.59
C SER D 67 -8.32 -17.27 18.83
N GLY D 68 -8.43 -16.28 17.96
CA GLY D 68 -9.44 -15.26 18.14
C GLY D 68 -9.05 -14.23 19.16
N THR D 69 -9.66 -14.29 20.35
CA THR D 69 -9.34 -13.34 21.43
C THR D 69 -9.13 -14.03 22.78
N ASP D 70 -8.99 -15.35 22.82
CA ASP D 70 -8.82 -16.02 24.11
C ASP D 70 -7.38 -15.94 24.59
N PHE D 71 -6.46 -16.56 23.84
CA PHE D 71 -5.02 -16.47 24.09
C PHE D 71 -4.67 -16.83 25.54
N THR D 72 -4.94 -18.09 25.87
CA THR D 72 -4.63 -18.62 27.19
C THR D 72 -3.35 -19.45 27.11
N PHE D 73 -2.39 -19.13 27.98
CA PHE D 73 -1.10 -19.80 28.01
C PHE D 73 -0.92 -20.46 29.38
N THR D 74 -0.54 -21.73 29.37
CA THR D 74 -0.33 -22.51 30.59
C THR D 74 1.17 -22.66 30.83
N ILE D 75 1.63 -22.28 32.01
CA ILE D 75 3.05 -22.34 32.32
C ILE D 75 3.44 -23.78 32.65
N SER D 76 4.52 -24.25 32.05
CA SER D 76 5.07 -25.56 32.37
C SER D 76 6.56 -25.53 32.00
N SER D 77 7.42 -25.36 33.00
CA SER D 77 8.85 -25.27 32.76
C SER D 77 9.45 -26.64 32.51
N GLU D 81 12.61 -23.08 39.26
CA GLU D 81 12.21 -21.71 39.57
C GLU D 81 11.40 -21.11 38.41
N ASP D 82 12.05 -20.19 37.68
CA ASP D 82 11.43 -19.51 36.54
C ASP D 82 10.13 -18.82 36.94
N LEU D 83 10.13 -18.21 38.12
CA LEU D 83 8.97 -17.45 38.61
C LEU D 83 9.21 -15.99 38.25
N ALA D 84 8.56 -15.53 37.19
CA ALA D 84 8.78 -14.19 36.67
C ALA D 84 7.50 -13.67 36.04
N VAL D 85 7.53 -12.40 35.66
CA VAL D 85 6.40 -11.76 35.01
C VAL D 85 6.35 -12.17 33.55
N PHE D 86 5.14 -12.48 33.07
CA PHE D 86 4.94 -12.94 31.69
C PHE D 86 4.17 -11.88 30.91
N TYR D 87 4.67 -11.56 29.72
CA TYR D 87 4.08 -10.52 28.88
C TYR D 87 3.49 -11.13 27.62
N CYS D 88 2.38 -10.55 27.16
CA CYS D 88 1.74 -10.93 25.92
C CYS D 88 1.72 -9.73 24.99
N GLN D 89 2.19 -9.91 23.76
CA GLN D 89 2.04 -8.91 22.72
C GLN D 89 1.10 -9.44 21.64
N GLN D 90 0.82 -8.59 20.67
CA GLN D 90 0.16 -8.99 19.44
C GLN D 90 1.04 -8.59 18.27
N HIS D 91 1.39 -9.58 17.44
CA HIS D 91 2.09 -9.30 16.19
C HIS D 91 1.15 -9.41 14.99
N TYR D 92 -0.12 -9.01 15.18
CA TYR D 92 -1.08 -8.99 14.09
C TYR D 92 -0.94 -7.71 13.27
N SER D 93 -1.15 -6.56 13.90
CA SER D 93 -1.08 -5.28 13.20
C SER D 93 -0.35 -4.25 14.06
N ALA D 94 0.36 -3.36 13.38
CA ALA D 94 1.06 -2.27 14.04
C ALA D 94 0.08 -1.17 14.43
N PRO D 95 0.37 -0.42 15.51
CA PRO D 95 1.54 -0.58 16.38
C PRO D 95 1.37 -1.74 17.36
N LEU D 96 2.48 -2.39 17.70
CA LEU D 96 2.42 -3.52 18.60
C LEU D 96 2.12 -3.06 20.03
N THR D 97 1.29 -3.83 20.72
CA THR D 97 0.91 -3.52 22.09
C THR D 97 1.17 -4.74 22.96
N PHE D 98 1.82 -4.51 24.10
CA PHE D 98 2.11 -5.58 25.05
C PHE D 98 1.07 -5.59 26.15
N GLY D 99 0.93 -6.74 26.80
CA GLY D 99 0.08 -6.85 27.96
C GLY D 99 0.71 -6.21 29.19
N ALA D 100 -0.12 -6.02 30.21
CA ALA D 100 0.38 -5.44 31.45
C ALA D 100 1.41 -6.35 32.11
N GLY D 101 1.19 -7.66 32.07
CA GLY D 101 2.11 -8.60 32.65
C GLY D 101 1.62 -9.21 33.95
N THR D 102 1.68 -10.54 34.03
CA THR D 102 1.25 -11.27 35.22
C THR D 102 2.48 -11.79 35.94
N LYS D 103 2.77 -11.23 37.11
CA LYS D 103 3.87 -11.72 37.93
C LYS D 103 3.51 -13.10 38.48
N LEU D 104 4.45 -14.03 38.37
CA LEU D 104 4.22 -15.40 38.83
C LEU D 104 5.48 -15.98 39.46
N VAL E 2 24.39 -12.69 17.31
CA VAL E 2 23.07 -12.91 17.87
C VAL E 2 22.97 -12.26 19.24
N GLN E 3 23.65 -11.13 19.42
CA GLN E 3 23.60 -10.38 20.66
C GLN E 3 23.65 -8.89 20.36
N LEU E 4 23.08 -8.10 21.26
CA LEU E 4 23.08 -6.65 21.15
C LEU E 4 23.67 -6.05 22.41
N GLN E 5 24.52 -5.03 22.23
CA GLN E 5 25.23 -4.40 23.34
C GLN E 5 24.65 -3.03 23.60
N GLN E 6 24.30 -2.77 24.85
CA GLN E 6 23.73 -1.50 25.28
C GLN E 6 24.52 -0.94 26.44
N PRO E 7 24.50 0.39 26.63
CA PRO E 7 25.27 0.98 27.73
C PRO E 7 24.88 0.47 29.10
N GLY E 8 23.61 0.16 29.32
CA GLY E 8 23.16 -0.34 30.61
C GLY E 8 22.46 0.69 31.45
N ALA E 9 22.97 1.93 31.44
CA ALA E 9 22.35 3.01 32.20
C ALA E 9 22.76 4.33 31.57
N GLU E 10 21.98 5.37 31.88
CA GLU E 10 22.25 6.71 31.40
C GLU E 10 21.51 7.70 32.29
N LEU E 11 22.15 8.82 32.59
CA LEU E 11 21.58 9.87 33.43
C LEU E 11 21.62 11.19 32.69
N LEU E 12 20.52 11.94 32.77
CA LEU E 12 20.45 13.26 32.15
C LEU E 12 19.29 14.03 32.76
N LYS E 13 19.46 15.35 32.88
CA LYS E 13 18.44 16.18 33.48
C LYS E 13 17.23 16.30 32.54
N PRO E 14 16.04 16.57 33.09
CA PRO E 14 14.86 16.71 32.24
C PRO E 14 15.00 17.85 31.24
N GLY E 15 14.39 17.66 30.07
CA GLY E 15 14.42 18.66 29.02
C GLY E 15 15.64 18.66 28.15
N THR E 16 16.51 17.66 28.27
CA THR E 16 17.74 17.57 27.49
C THR E 16 17.70 16.34 26.61
N SER E 17 18.08 16.52 25.35
CA SER E 17 18.06 15.41 24.40
C SER E 17 19.18 14.41 24.71
N MET E 18 18.89 13.14 24.50
CA MET E 18 19.85 12.07 24.76
C MET E 18 19.76 11.03 23.66
N LYS E 19 20.83 10.25 23.51
CA LYS E 19 20.95 9.29 22.43
C LYS E 19 21.37 7.93 22.97
N LEU E 20 20.89 6.88 22.32
CA LEU E 20 21.16 5.50 22.70
C LEU E 20 21.87 4.78 21.56
N SER E 21 22.39 3.59 21.86
CA SER E 21 23.09 2.80 20.87
C SER E 21 22.91 1.31 21.17
N CYS E 22 22.99 0.50 20.12
CA CYS E 22 22.91 -0.97 20.24
C CYS E 22 23.85 -1.60 19.23
N LYS E 23 25.09 -1.86 19.65
CA LYS E 23 26.03 -2.61 18.82
C LYS E 23 25.62 -4.08 18.77
N ALA E 24 25.68 -4.66 17.58
CA ALA E 24 25.27 -6.04 17.39
C ALA E 24 26.24 -6.73 16.45
N SER E 25 26.22 -8.07 16.48
CA SER E 25 27.08 -8.86 15.60
C SER E 25 26.49 -10.25 15.46
N GLY E 26 26.86 -10.92 14.37
CA GLY E 26 26.45 -12.29 14.12
C GLY E 26 25.32 -12.47 13.14
N TYR E 27 24.72 -11.39 12.63
CA TYR E 27 23.64 -11.52 11.67
C TYR E 27 23.73 -10.50 10.54
N THR E 28 24.90 -9.88 10.34
CA THR E 28 25.22 -8.97 9.25
C THR E 28 24.50 -7.63 9.38
N PHE E 29 23.57 -7.54 10.32
CA PHE E 29 22.98 -6.29 10.78
C PHE E 29 22.15 -5.57 9.72
N SER E 30 22.16 -6.06 8.48
CA SER E 30 21.51 -5.36 7.39
C SER E 30 20.20 -6.01 6.97
N ASN E 31 19.86 -7.16 7.56
CA ASN E 31 18.71 -7.93 7.12
C ASN E 31 17.58 -7.98 8.14
N TYR E 32 17.78 -7.49 9.35
CA TYR E 32 16.81 -7.63 10.43
C TYR E 32 16.43 -6.27 10.99
N TRP E 33 15.13 -6.02 11.09
CA TRP E 33 14.63 -4.78 11.64
C TRP E 33 14.93 -4.70 13.14
N MET E 34 15.20 -3.48 13.62
CA MET E 34 15.75 -3.32 14.96
C MET E 34 14.69 -3.30 16.06
N HIS E 35 13.46 -2.88 15.77
CA HIS E 35 12.31 -3.05 16.67
C HIS E 35 12.61 -2.55 18.08
N TRP E 36 12.80 -1.25 18.19
CA TRP E 36 13.05 -0.63 19.49
C TRP E 36 11.79 -0.62 20.34
N VAL E 37 11.91 -1.07 21.59
CA VAL E 37 10.82 -1.04 22.56
C VAL E 37 11.36 -0.55 23.89
N LYS E 38 10.44 -0.13 24.77
CA LYS E 38 10.79 0.34 26.09
C LYS E 38 9.94 -0.37 27.14
N LEU E 39 10.50 -0.50 28.34
CA LEU E 39 9.84 -1.18 29.45
C LEU E 39 9.60 -0.17 30.56
N ARG E 40 8.36 0.29 30.67
CA ARG E 40 8.01 1.22 31.73
C ARG E 40 8.08 0.50 33.09
N PRO E 41 8.47 1.19 34.15
CA PRO E 41 8.63 0.52 35.45
C PRO E 41 7.30 0.11 36.06
N GLY E 42 6.78 -1.04 35.64
CA GLY E 42 5.56 -1.59 36.19
C GLY E 42 4.33 -1.42 35.33
N GLN E 43 4.42 -0.63 34.25
CA GLN E 43 3.29 -0.41 33.35
C GLN E 43 3.40 -1.21 32.07
N GLY E 44 4.40 -2.09 31.95
CA GLY E 44 4.50 -3.00 30.84
C GLY E 44 5.23 -2.41 29.64
N PHE E 45 5.64 -3.29 28.74
CA PHE E 45 6.31 -2.88 27.51
C PHE E 45 5.36 -2.10 26.62
N GLU E 46 5.92 -1.18 25.85
CA GLU E 46 5.22 -0.57 24.74
C GLU E 46 6.15 -0.50 23.54
N TRP E 47 5.61 -0.76 22.35
CA TRP E 47 6.39 -0.74 21.14
C TRP E 47 6.67 0.69 20.72
N ILE E 48 7.95 1.07 20.71
CA ILE E 48 8.33 2.41 20.28
C ILE E 48 8.31 2.51 18.76
N GLY E 49 9.03 1.61 18.09
CA GLY E 49 9.08 1.63 16.65
C GLY E 49 10.14 0.67 16.14
N GLU E 50 10.22 0.60 14.82
CA GLU E 50 11.17 -0.27 14.14
C GLU E 50 11.89 0.52 13.06
N ILE E 51 13.11 0.08 12.74
CA ILE E 51 13.90 0.70 11.68
C ILE E 51 14.52 -0.40 10.84
N ASN E 52 14.57 -0.18 9.52
CA ASN E 52 15.25 -1.09 8.63
C ASN E 52 16.70 -0.64 8.48
N PRO E 53 17.68 -1.40 8.97
CA PRO E 53 19.07 -0.96 8.85
C PRO E 53 19.57 -0.89 7.42
N PHE E 54 18.93 -1.56 6.47
CA PHE E 54 19.40 -1.56 5.10
C PHE E 54 19.29 -0.17 4.48
N ASN E 55 18.12 0.46 4.59
CA ASN E 55 17.89 1.76 3.98
C ASN E 55 17.55 2.84 5.00
N GLY E 56 17.50 2.51 6.29
CA GLY E 56 17.15 3.48 7.30
C GLY E 56 15.67 3.75 7.43
N GLY E 57 14.84 3.11 6.61
CA GLY E 57 13.40 3.28 6.70
C GLY E 57 12.86 2.84 8.05
N THR E 58 12.02 3.65 8.65
CA THR E 58 11.55 3.41 10.00
C THR E 58 10.03 3.55 10.08
N ASN E 59 9.44 2.78 10.99
CA ASN E 59 8.03 2.86 11.31
C ASN E 59 7.89 3.12 12.80
N PHE E 60 7.01 4.05 13.16
CA PHE E 60 6.89 4.50 14.54
C PHE E 60 5.49 4.25 15.08
N ASN E 61 5.41 4.13 16.40
CA ASN E 61 4.13 4.05 17.07
C ASN E 61 3.39 5.38 16.96
N GLU E 62 2.08 5.30 16.66
CA GLU E 62 1.29 6.51 16.51
C GLU E 62 1.22 7.30 17.82
N LYS E 63 1.06 6.60 18.94
CA LYS E 63 1.05 7.27 20.24
C LYS E 63 2.39 7.90 20.56
N PHE E 64 3.48 7.32 20.05
CA PHE E 64 4.82 7.79 20.39
C PHE E 64 5.32 8.79 19.34
N LYS E 65 5.43 8.33 18.09
CA LYS E 65 5.73 9.17 16.93
C LYS E 65 6.92 10.11 17.13
N SER E 66 6.66 11.42 17.11
CA SER E 66 7.69 12.44 17.06
C SER E 66 8.45 12.59 18.37
N LYS E 67 8.16 11.78 19.38
CA LYS E 67 8.90 11.86 20.63
C LYS E 67 10.37 11.53 20.43
N ALA E 68 10.65 10.50 19.62
CA ALA E 68 12.02 10.10 19.33
C ALA E 68 12.16 9.74 17.86
N THR E 69 13.41 9.70 17.40
CA THR E 69 13.74 9.32 16.03
C THR E 69 14.74 8.18 16.06
N LEU E 70 14.70 7.36 15.01
CA LEU E 70 15.58 6.21 14.89
C LEU E 70 16.52 6.42 13.71
N THR E 71 17.80 6.23 13.95
CA THR E 71 18.84 6.32 12.93
C THR E 71 19.65 5.02 12.90
N VAL E 72 20.64 4.98 12.01
CA VAL E 72 21.45 3.79 11.83
C VAL E 72 22.73 4.21 11.12
N ASP E 73 23.81 3.47 11.38
CA ASP E 73 25.11 3.77 10.77
C ASP E 73 25.43 2.86 9.60
N ARG E 74 25.21 1.55 9.76
CA ARG E 74 25.40 0.55 8.71
C ARG E 74 26.88 0.32 8.42
N SER E 75 27.75 1.13 9.02
CA SER E 75 29.19 0.90 8.97
C SER E 75 29.63 0.11 10.21
N SER E 76 29.36 0.68 11.39
CA SER E 76 29.39 -0.08 12.63
C SER E 76 28.01 -0.67 12.86
N SER E 77 27.95 -1.95 13.18
CA SER E 77 26.67 -2.65 13.25
C SER E 77 25.90 -2.20 14.50
N THR E 78 25.49 -0.94 14.52
CA THR E 78 24.81 -0.36 15.67
C THR E 78 23.72 0.59 15.19
N ALA E 79 22.66 0.69 15.99
CA ALA E 79 21.52 1.55 15.72
C ALA E 79 21.33 2.53 16.87
N TYR E 80 20.80 3.71 16.55
CA TYR E 80 20.70 4.79 17.52
C TYR E 80 19.26 5.28 17.64
N MET E 81 18.87 5.62 18.87
CA MET E 81 17.64 6.35 19.16
C MET E 81 17.98 7.70 19.73
N GLN E 82 17.30 8.73 19.26
CA GLN E 82 17.46 10.09 19.78
C GLN E 82 16.13 10.56 20.36
N LEU E 83 16.17 11.00 21.61
CA LEU E 83 14.98 11.49 22.31
C LEU E 83 14.96 13.00 22.31
N SER E 84 13.82 13.57 21.93
CA SER E 84 13.60 15.02 22.00
C SER E 84 12.34 15.23 22.83
N SER E 85 12.51 15.27 24.15
CA SER E 85 11.39 15.37 25.08
C SER E 85 11.97 15.55 26.48
N VAL E 86 11.07 15.76 27.44
CA VAL E 86 11.45 15.88 28.84
C VAL E 86 11.77 14.50 29.39
N THR E 87 12.88 14.41 30.12
CA THR E 87 13.26 13.12 30.69
C THR E 87 12.25 12.63 31.73
N SER E 88 11.63 13.55 32.45
CA SER E 88 10.56 13.16 33.36
C SER E 88 9.40 12.55 32.58
N GLU E 89 8.75 11.56 33.18
CA GLU E 89 7.69 10.74 32.59
C GLU E 89 8.21 9.84 31.49
N ASP E 90 9.51 9.89 31.17
CA ASP E 90 10.12 9.04 30.16
C ASP E 90 11.22 8.15 30.73
N SER E 91 11.24 7.99 32.05
CA SER E 91 12.26 7.18 32.72
C SER E 91 11.83 5.72 32.65
N ALA E 92 12.52 4.93 31.83
CA ALA E 92 12.21 3.52 31.66
C ALA E 92 13.41 2.82 31.07
N VAL E 93 13.37 1.50 31.05
CA VAL E 93 14.43 0.69 30.48
C VAL E 93 14.13 0.48 29.00
N TYR E 94 15.05 0.90 28.15
CA TYR E 94 14.86 0.86 26.70
C TYR E 94 15.56 -0.36 26.12
N TYR E 95 14.85 -1.10 25.27
CA TYR E 95 15.36 -2.34 24.71
C TYR E 95 15.46 -2.23 23.19
N CYS E 96 16.41 -2.98 22.64
CA CYS E 96 16.54 -3.17 21.20
C CYS E 96 16.59 -4.67 20.93
N THR E 97 15.77 -5.14 19.99
CA THR E 97 15.58 -6.56 19.80
C THR E 97 15.14 -6.86 18.37
N ILE E 98 15.59 -8.00 17.86
CA ILE E 98 15.34 -8.35 16.46
C ILE E 98 14.67 -9.71 16.39
N PRO E 99 13.85 -9.96 15.37
CA PRO E 99 13.33 -11.32 15.15
C PRO E 99 14.39 -12.21 14.50
N LEU E 100 14.19 -13.52 14.67
CA LEU E 100 15.03 -14.51 14.00
C LEU E 100 14.26 -15.50 13.14
N SER E 101 12.94 -15.63 13.34
CA SER E 101 12.16 -16.51 12.48
C SER E 101 12.15 -16.01 11.04
N ASP E 102 12.03 -14.69 10.86
CA ASP E 102 12.12 -14.06 9.56
C ASP E 102 12.87 -12.75 9.71
N TYR E 103 13.09 -12.06 8.59
CA TYR E 103 13.78 -10.78 8.61
C TYR E 103 12.99 -9.74 9.40
N GLY E 104 11.68 -9.71 9.23
CA GLY E 104 10.87 -8.67 9.84
C GLY E 104 9.62 -9.13 10.56
N ASP E 105 9.64 -10.33 11.14
CA ASP E 105 8.53 -10.73 12.01
C ASP E 105 8.47 -9.82 13.23
N TRP E 106 7.28 -9.72 13.81
CA TRP E 106 7.03 -8.78 14.88
C TRP E 106 7.11 -9.41 16.27
N PHE E 107 7.49 -10.68 16.36
CA PHE E 107 7.83 -11.30 17.63
C PHE E 107 9.34 -11.44 17.71
N PHE E 108 9.91 -11.04 18.84
CA PHE E 108 11.34 -10.78 18.95
C PHE E 108 12.03 -11.95 19.64
N ALA E 109 13.06 -12.50 18.98
CA ALA E 109 13.75 -13.68 19.49
C ALA E 109 14.87 -13.32 20.46
N VAL E 110 15.82 -12.49 20.04
CA VAL E 110 16.94 -12.08 20.87
C VAL E 110 16.76 -10.62 21.26
N TRP E 111 17.08 -10.31 22.51
CA TRP E 111 16.86 -8.99 23.07
C TRP E 111 18.20 -8.36 23.45
N GLY E 112 18.17 -7.04 23.65
CA GLY E 112 19.32 -6.34 24.16
C GLY E 112 19.47 -6.51 25.66
N ALA E 113 20.62 -6.07 26.16
CA ALA E 113 20.88 -6.16 27.59
C ALA E 113 19.91 -5.29 28.39
N GLY E 114 19.64 -4.08 27.90
CA GLY E 114 18.74 -3.18 28.59
C GLY E 114 19.47 -1.99 29.17
N THR E 115 18.99 -0.79 28.87
CA THR E 115 19.59 0.44 29.36
C THR E 115 18.53 1.27 30.09
N THR E 116 18.94 1.90 31.19
CA THR E 116 18.04 2.67 32.03
C THR E 116 18.32 4.16 31.86
N VAL E 117 17.27 4.93 31.63
CA VAL E 117 17.37 6.37 31.42
C VAL E 117 16.78 7.05 32.65
N THR E 118 17.64 7.62 33.48
CA THR E 118 17.22 8.33 34.69
C THR E 118 16.29 7.49 35.57
#